data_7SEG
#
_entry.id   7SEG
#
_cell.length_a   45.307
_cell.length_b   220.560
_cell.length_c   70.825
_cell.angle_alpha   90.000
_cell.angle_beta   108.550
_cell.angle_gamma   90.000
#
_symmetry.space_group_name_H-M   'P 1 21 1'
#
loop_
_entity.id
_entity.type
_entity.pdbx_description
1 polymer 'anti-CD16a Fab light chain'
2 polymer 'anti-CD16A Fab heavy chain'
3 polymer 'Low affinity immunoglobulin gamma Fc region receptor III-A'
4 branched 2-acetamido-2-deoxy-beta-D-glucopyranose-(1-4)-2-acetamido-2-deoxy-beta-D-glucopyranose
5 non-polymer GLYCEROL
6 non-polymer 2-acetamido-2-deoxy-beta-D-glucopyranose
7 water water
#
loop_
_entity_poly.entity_id
_entity_poly.type
_entity_poly.pdbx_seq_one_letter_code
_entity_poly.pdbx_strand_id
1 'polypeptide(L)'
;MKKNIAFLLASMFVFSIATNAYASYVLTQPSSVSVAPGQTATISCGGHNIGSKNVHWYQQRPGQSPVLVIYQDNKRPSGI
PERFSGSNSGNTATLTISGTQAMDEADYYCQVWDNYSVLFGGGTKLTVLRTVAAPSVFIFPPSDEQLKSGTASVVCLLNN
FYPREAKVQWKVDNALQSGNSQESVTEQDSKDSTYSLSSTLTLSKADYEKHKVYACEVTHQGLSSPVTKSFNRGEC
;
L,B
2 'polypeptide(L)'
;MKKNIAFLLASMFVFSIATNAYAEVQLVQSGAEVKKPGESLKVSCKASGYTFTSYYMHWVRQAPGQGLEWMGAIEPMYGS
TSYAQKFQGRVTMTRDTSTSTVYMELSSLRSEDTAVYYCARGSAYYYDFADYWGQGTLVTVSSASTKGPSVFPLAPSSKS
TSGGTAALGCLVKDYFPEPVTVSWNSGALTSGVHTFPAVLQSSGLYSLSSVVTVPSSSLGTQTYICNVNHKPSNTKVDKK
VEPKSCD
;
H,A
3 'polypeptide(L)'
;AGSRTEDLPKAVVFLEPQWYRVLEKDSVTLKCQGAYSPEDQSTQWFHNESLISSQASSYFIDAATVDDSGEYRCQTQLST
LSDPVQLEVHIGWLLLQAPRWVFKEEDPIHLRCHSWKNTALHKVTYLQNGKGRKYFHHNSDFYIPKATLKDSGSYFCRGL
VGSKNVSSETVQITITQGGN
;
D,C
#
# COMPACT_ATOMS: atom_id res chain seq x y z
N SER A 24 -8.31 -28.69 33.05
CA SER A 24 -7.65 -30.00 33.14
C SER A 24 -7.63 -30.70 31.79
N TYR A 25 -8.61 -30.39 30.95
CA TYR A 25 -8.67 -30.99 29.62
C TYR A 25 -7.69 -30.31 28.69
N VAL A 26 -7.07 -31.10 27.81
CA VAL A 26 -5.99 -30.63 26.94
C VAL A 26 -6.41 -30.86 25.49
N LEU A 27 -6.28 -29.82 24.68
CA LEU A 27 -6.45 -29.91 23.23
C LEU A 27 -5.09 -29.72 22.58
N THR A 28 -4.75 -30.60 21.64
CA THR A 28 -3.43 -30.61 21.00
C THR A 28 -3.60 -30.31 19.51
N GLN A 29 -3.00 -29.20 19.07
CA GLN A 29 -2.98 -28.80 17.68
C GLN A 29 -1.55 -28.78 17.15
N PRO A 30 -1.35 -29.01 15.85
CA PRO A 30 -0.01 -28.86 15.28
C PRO A 30 0.38 -27.40 15.18
N SER A 31 1.68 -27.14 15.25
CA SER A 31 2.17 -25.77 15.20
C SER A 31 1.90 -25.14 13.84
N SER A 32 2.30 -25.82 12.76
CA SER A 32 2.19 -25.29 11.41
C SER A 32 1.58 -26.34 10.48
N VAL A 33 0.98 -25.85 9.40
CA VAL A 33 0.46 -26.69 8.33
C VAL A 33 0.72 -25.98 7.01
N SER A 34 1.37 -26.69 6.08
CA SER A 34 1.77 -26.13 4.80
C SER A 34 1.01 -26.83 3.68
N VAL A 35 0.62 -26.06 2.66
CA VAL A 35 -0.18 -26.59 1.56
C VAL A 35 0.04 -25.71 0.33
N ALA A 36 0.17 -26.35 -0.83
CA ALA A 36 0.31 -25.63 -2.08
C ALA A 36 -1.01 -24.98 -2.47
N PRO A 37 -0.97 -23.95 -3.32
CA PRO A 37 -2.22 -23.32 -3.78
C PRO A 37 -3.12 -24.32 -4.49
N GLY A 38 -4.43 -24.20 -4.25
CA GLY A 38 -5.40 -25.07 -4.87
C GLY A 38 -5.53 -26.41 -4.19
N GLN A 39 -4.46 -26.87 -3.55
CA GLN A 39 -4.48 -28.16 -2.87
C GLN A 39 -5.19 -28.05 -1.52
N THR A 40 -5.54 -29.20 -0.97
CA THR A 40 -6.34 -29.28 0.23
C THR A 40 -5.46 -29.28 1.48
N ALA A 41 -5.89 -28.54 2.50
CA ALA A 41 -5.21 -28.47 3.78
C ALA A 41 -6.07 -29.10 4.86
N THR A 42 -5.42 -29.76 5.82
CA THR A 42 -6.10 -30.41 6.93
C THR A 42 -5.41 -30.03 8.23
N ILE A 43 -6.20 -29.65 9.23
CA ILE A 43 -5.70 -29.24 10.54
C ILE A 43 -6.34 -30.13 11.60
N SER A 44 -5.52 -30.76 12.42
CA SER A 44 -5.99 -31.69 13.43
C SER A 44 -6.09 -31.01 14.80
N CYS A 45 -6.86 -31.62 15.68
CA CYS A 45 -7.05 -31.13 17.05
C CYS A 45 -7.35 -32.33 17.93
N GLY A 46 -6.37 -32.72 18.74
CA GLY A 46 -6.44 -33.96 19.50
C GLY A 46 -6.88 -33.75 20.94
N GLY A 47 -7.77 -34.63 21.40
CA GLY A 47 -8.22 -34.60 22.77
C GLY A 47 -8.74 -35.97 23.17
N HIS A 48 -8.60 -36.28 24.45
CA HIS A 48 -9.00 -37.59 24.97
C HIS A 48 -10.50 -37.80 24.80
N ASN A 49 -10.88 -38.69 23.88
CA ASN A 49 -12.29 -38.90 23.51
C ASN A 49 -12.93 -37.58 23.06
N ILE A 50 -12.30 -36.94 22.07
CA ILE A 50 -12.81 -35.69 21.55
C ILE A 50 -14.07 -35.90 20.73
N GLY A 51 -14.31 -37.12 20.25
CA GLY A 51 -15.56 -37.42 19.57
C GLY A 51 -16.77 -37.36 20.48
N SER A 52 -16.55 -37.41 21.80
CA SER A 52 -17.62 -37.23 22.77
C SER A 52 -18.13 -35.80 22.82
N LYS A 53 -17.46 -34.87 22.15
CA LYS A 53 -17.77 -33.46 22.26
C LYS A 53 -18.02 -32.85 20.89
N ASN A 54 -18.75 -31.75 20.89
CA ASN A 54 -18.87 -30.92 19.69
C ASN A 54 -17.70 -29.96 19.63
N VAL A 55 -16.97 -29.98 18.52
CA VAL A 55 -15.77 -29.19 18.34
C VAL A 55 -16.04 -28.07 17.36
N HIS A 56 -15.57 -26.87 17.70
CA HIS A 56 -15.75 -25.69 16.87
C HIS A 56 -14.39 -25.14 16.45
N TRP A 57 -14.36 -24.44 15.33
CA TRP A 57 -13.12 -23.92 14.77
C TRP A 57 -13.28 -22.43 14.48
N TYR A 58 -12.19 -21.69 14.66
CA TYR A 58 -12.16 -20.25 14.43
C TYR A 58 -10.98 -19.89 13.56
N GLN A 59 -11.19 -18.95 12.64
CA GLN A 59 -10.14 -18.42 11.79
C GLN A 59 -9.75 -17.03 12.28
N GLN A 60 -8.44 -16.82 12.43
CA GLN A 60 -7.92 -15.54 12.93
C GLN A 60 -6.82 -15.07 12.00
N ARG A 61 -7.17 -14.16 11.08
CA ARG A 61 -6.17 -13.53 10.24
C ARG A 61 -5.26 -12.65 11.09
N PRO A 62 -3.99 -12.44 10.66
CA PRO A 62 -2.95 -11.87 11.55
C PRO A 62 -3.40 -10.83 12.56
N GLY A 63 -3.93 -9.70 12.10
CA GLY A 63 -4.31 -8.64 13.00
C GLY A 63 -5.79 -8.36 13.03
N GLN A 64 -6.61 -9.41 13.03
CA GLN A 64 -8.06 -9.29 12.97
C GLN A 64 -8.69 -10.10 14.10
N SER A 65 -9.99 -9.91 14.27
CA SER A 65 -10.74 -10.66 15.25
C SER A 65 -11.03 -12.07 14.75
N PRO A 66 -11.17 -13.05 15.65
CA PRO A 66 -11.48 -14.41 15.21
C PRO A 66 -12.84 -14.49 14.52
N VAL A 67 -12.97 -15.46 13.63
CA VAL A 67 -14.19 -15.68 12.86
C VAL A 67 -14.57 -17.15 12.95
N LEU A 68 -15.81 -17.42 13.34
CA LEU A 68 -16.31 -18.78 13.42
C LEU A 68 -16.48 -19.36 12.02
N VAL A 69 -15.83 -20.49 11.75
CA VAL A 69 -15.91 -21.12 10.46
C VAL A 69 -16.65 -22.46 10.49
N ILE A 70 -16.55 -23.21 11.59
CA ILE A 70 -17.22 -24.49 11.75
C ILE A 70 -17.66 -24.61 13.20
N TYR A 71 -18.92 -24.96 13.42
CA TYR A 71 -19.45 -25.18 14.76
C TYR A 71 -20.14 -26.54 14.81
N GLN A 72 -20.02 -27.21 15.95
CA GLN A 72 -20.61 -28.53 16.19
C GLN A 72 -20.14 -29.53 15.13
N ASP A 73 -18.83 -29.83 15.21
CA ASP A 73 -18.18 -30.84 14.38
C ASP A 73 -18.19 -30.50 12.89
N ASN A 74 -19.38 -30.31 12.31
CA ASN A 74 -19.50 -30.24 10.86
C ASN A 74 -20.33 -29.07 10.33
N LYS A 75 -21.09 -28.37 11.17
CA LYS A 75 -22.02 -27.38 10.67
C LYS A 75 -21.31 -26.07 10.34
N ARG A 76 -21.81 -25.40 9.30
CA ARG A 76 -21.19 -24.23 8.72
C ARG A 76 -22.10 -23.01 8.88
N PRO A 77 -21.56 -21.88 9.35
CA PRO A 77 -22.39 -20.67 9.43
C PRO A 77 -22.62 -20.06 8.04
N SER A 78 -23.57 -19.14 7.99
CA SER A 78 -23.90 -18.48 6.74
C SER A 78 -22.75 -17.60 6.28
N GLY A 79 -22.47 -17.64 4.98
CA GLY A 79 -21.43 -16.82 4.39
C GLY A 79 -20.05 -17.45 4.36
N ILE A 80 -19.89 -18.66 4.85
CA ILE A 80 -18.61 -19.36 4.84
C ILE A 80 -18.57 -20.26 3.61
N PRO A 81 -17.49 -20.24 2.82
CA PRO A 81 -17.44 -21.08 1.62
C PRO A 81 -17.59 -22.56 1.95
N GLU A 82 -18.26 -23.29 1.06
CA GLU A 82 -18.51 -24.71 1.25
C GLU A 82 -17.23 -25.54 1.26
N ARG A 83 -16.11 -24.99 0.79
CA ARG A 83 -14.85 -25.71 0.83
C ARG A 83 -14.33 -25.91 2.25
N PHE A 84 -14.93 -25.24 3.24
CA PHE A 84 -14.63 -25.49 4.64
C PHE A 84 -15.48 -26.66 5.12
N SER A 85 -14.84 -27.71 5.64
CA SER A 85 -15.54 -28.87 6.14
C SER A 85 -14.92 -29.31 7.45
N GLY A 86 -15.74 -29.91 8.30
CA GLY A 86 -15.29 -30.37 9.60
C GLY A 86 -15.67 -31.82 9.85
N SER A 87 -14.83 -32.48 10.64
CA SER A 87 -15.04 -33.88 10.98
C SER A 87 -14.57 -34.12 12.41
N ASN A 88 -15.37 -34.86 13.17
CA ASN A 88 -15.06 -35.17 14.57
C ASN A 88 -15.40 -36.62 14.82
N SER A 89 -14.39 -37.45 15.05
CA SER A 89 -14.60 -38.88 15.29
C SER A 89 -13.37 -39.44 15.99
N GLY A 90 -13.56 -39.99 17.18
CA GLY A 90 -12.44 -40.58 17.91
C GLY A 90 -11.74 -39.54 18.76
N ASN A 91 -10.40 -39.51 18.67
CA ASN A 91 -9.58 -38.58 19.43
C ASN A 91 -8.98 -37.50 18.55
N THR A 92 -9.58 -37.20 17.41
CA THR A 92 -9.07 -36.18 16.52
C THR A 92 -10.22 -35.49 15.81
N ALA A 93 -10.32 -34.17 16.00
CA ALA A 93 -11.20 -33.33 15.19
C ALA A 93 -10.37 -32.69 14.09
N THR A 94 -10.96 -32.54 12.91
CA THR A 94 -10.22 -32.12 11.73
C THR A 94 -10.97 -31.03 10.99
N LEU A 95 -10.26 -29.96 10.64
CA LEU A 95 -10.75 -28.93 9.74
C LEU A 95 -10.10 -29.10 8.38
N THR A 96 -10.91 -29.10 7.32
CA THR A 96 -10.44 -29.38 5.98
C THR A 96 -10.81 -28.22 5.05
N ILE A 97 -9.81 -27.65 4.39
CA ILE A 97 -10.01 -26.58 3.41
C ILE A 97 -9.56 -27.11 2.06
N SER A 98 -10.48 -27.13 1.10
CA SER A 98 -10.21 -27.68 -0.23
C SER A 98 -9.24 -26.78 -1.01
N GLY A 99 -9.74 -26.16 -2.08
CA GLY A 99 -8.90 -25.26 -2.86
C GLY A 99 -8.42 -24.07 -2.07
N THR A 100 -7.33 -24.25 -1.33
CA THR A 100 -6.82 -23.17 -0.49
C THR A 100 -6.41 -21.96 -1.32
N GLN A 101 -6.63 -20.78 -0.76
CA GLN A 101 -6.26 -19.53 -1.39
C GLN A 101 -5.45 -18.70 -0.39
N ALA A 102 -4.88 -17.61 -0.88
CA ALA A 102 -4.02 -16.78 -0.02
C ALA A 102 -4.79 -16.18 1.14
N MET A 103 -6.11 -16.02 1.00
CA MET A 103 -6.91 -15.49 2.09
C MET A 103 -7.00 -16.47 3.25
N ASP A 104 -6.84 -17.77 2.98
CA ASP A 104 -6.91 -18.77 4.04
C ASP A 104 -5.65 -18.80 4.90
N GLU A 105 -4.62 -18.03 4.57
CA GLU A 105 -3.42 -17.94 5.38
C GLU A 105 -3.77 -17.23 6.68
N ALA A 106 -3.90 -17.99 7.77
CA ALA A 106 -4.26 -17.44 9.06
C ALA A 106 -3.96 -18.49 10.13
N ASP A 107 -4.34 -18.20 11.37
CA ASP A 107 -4.27 -19.14 12.47
C ASP A 107 -5.66 -19.72 12.72
N TYR A 108 -5.70 -21.02 13.02
CA TYR A 108 -6.96 -21.72 13.22
C TYR A 108 -6.95 -22.38 14.60
N TYR A 109 -7.97 -22.11 15.39
CA TYR A 109 -8.09 -22.60 16.75
C TYR A 109 -9.32 -23.48 16.87
N CYS A 110 -9.15 -24.65 17.48
CA CYS A 110 -10.28 -25.48 17.87
C CYS A 110 -10.71 -25.12 19.29
N GLN A 111 -11.99 -25.34 19.57
CA GLN A 111 -12.57 -24.91 20.84
C GLN A 111 -13.62 -25.90 21.29
N VAL A 112 -13.63 -26.21 22.59
CA VAL A 112 -14.60 -27.12 23.18
C VAL A 112 -15.11 -26.54 24.50
N TRP A 113 -16.24 -27.08 24.95
CA TRP A 113 -16.85 -26.74 26.22
C TRP A 113 -16.73 -27.96 27.13
N ASP A 114 -15.99 -27.82 28.23
CA ASP A 114 -15.67 -28.96 29.09
C ASP A 114 -15.87 -28.55 30.55
N ASN A 115 -16.86 -29.17 31.20
CA ASN A 115 -17.15 -28.97 32.61
C ASN A 115 -17.30 -27.48 32.95
N TYR A 116 -18.21 -26.83 32.23
CA TYR A 116 -18.58 -25.44 32.48
C TYR A 116 -17.37 -24.52 32.34
N SER A 117 -16.56 -24.79 31.32
CA SER A 117 -15.45 -23.93 30.93
C SER A 117 -15.18 -24.14 29.46
N VAL A 118 -14.70 -23.09 28.79
CA VAL A 118 -14.39 -23.13 27.37
C VAL A 118 -12.88 -23.21 27.22
N LEU A 119 -12.41 -24.09 26.34
CA LEU A 119 -10.99 -24.31 26.14
C LEU A 119 -10.65 -24.16 24.66
N PHE A 120 -9.43 -23.70 24.40
CA PHE A 120 -8.95 -23.47 23.04
C PHE A 120 -7.69 -24.31 22.80
N GLY A 121 -7.50 -24.69 21.54
CA GLY A 121 -6.27 -25.34 21.14
C GLY A 121 -5.14 -24.34 20.99
N GLY A 122 -3.93 -24.89 20.76
CA GLY A 122 -2.77 -24.03 20.62
C GLY A 122 -2.82 -23.15 19.39
N GLY A 123 -3.50 -23.58 18.33
CA GLY A 123 -3.58 -22.82 17.10
C GLY A 123 -2.60 -23.28 16.06
N THR A 124 -3.06 -23.41 14.82
CA THR A 124 -2.23 -23.87 13.72
C THR A 124 -2.10 -22.77 12.67
N LYS A 125 -0.86 -22.45 12.30
CA LYS A 125 -0.58 -21.42 11.32
C LYS A 125 -0.54 -22.04 9.93
N LEU A 126 -1.41 -21.56 9.04
CA LEU A 126 -1.48 -22.08 7.68
C LEU A 126 -0.44 -21.40 6.81
N THR A 127 0.49 -22.19 6.27
CA THR A 127 1.55 -21.70 5.41
C THR A 127 1.29 -22.16 3.98
N VAL A 128 1.62 -21.31 3.01
CA VAL A 128 1.48 -21.62 1.59
C VAL A 128 2.88 -21.85 1.02
N LEU A 129 3.03 -22.96 0.31
CA LEU A 129 4.32 -23.38 -0.22
C LEU A 129 4.58 -22.77 -1.60
N ARG A 130 5.86 -22.59 -1.92
CA ARG A 130 6.28 -22.13 -3.23
C ARG A 130 7.75 -22.50 -3.41
N THR A 131 8.32 -22.08 -4.53
CA THR A 131 9.70 -22.41 -4.87
C THR A 131 10.67 -21.50 -4.11
N VAL A 132 11.86 -22.02 -3.83
CA VAL A 132 12.87 -21.30 -3.07
C VAL A 132 13.20 -19.98 -3.74
N ALA A 133 13.19 -18.90 -2.96
CA ALA A 133 13.55 -17.57 -3.42
C ALA A 133 14.67 -17.03 -2.53
N ALA A 134 15.78 -16.64 -3.15
CA ALA A 134 16.90 -16.11 -2.38
C ALA A 134 16.64 -14.66 -2.00
N PRO A 135 17.07 -14.23 -0.80
CA PRO A 135 16.83 -12.85 -0.38
C PRO A 135 17.81 -11.88 -1.02
N SER A 136 17.33 -10.67 -1.25
CA SER A 136 18.15 -9.55 -1.67
C SER A 136 18.47 -8.70 -0.45
N VAL A 137 19.76 -8.52 -0.17
CA VAL A 137 20.22 -7.97 1.10
C VAL A 137 20.61 -6.51 0.91
N PHE A 138 20.16 -5.66 1.83
CA PHE A 138 20.52 -4.25 1.88
C PHE A 138 20.88 -3.88 3.30
N ILE A 139 22.00 -3.18 3.47
CA ILE A 139 22.45 -2.74 4.78
C ILE A 139 22.31 -1.21 4.85
N PHE A 140 21.97 -0.72 6.04
CA PHE A 140 21.72 0.69 6.25
C PHE A 140 22.59 1.21 7.40
N PRO A 141 23.31 2.31 7.20
CA PRO A 141 24.04 2.93 8.31
C PRO A 141 23.11 3.79 9.15
N PRO A 142 23.50 4.14 10.37
CA PRO A 142 22.64 5.01 11.19
C PRO A 142 22.60 6.43 10.65
N SER A 143 21.54 7.13 11.03
CA SER A 143 21.36 8.51 10.57
C SER A 143 22.27 9.46 11.36
N ASP A 144 22.52 10.62 10.75
CA ASP A 144 23.23 11.67 11.48
C ASP A 144 22.36 12.25 12.59
N GLU A 145 21.04 12.22 12.42
CA GLU A 145 20.15 12.71 13.45
C GLU A 145 20.15 11.79 14.67
N GLN A 146 20.20 10.48 14.45
CA GLN A 146 20.23 9.54 15.55
C GLN A 146 21.61 9.46 16.20
N LEU A 147 22.66 9.92 15.51
CA LEU A 147 23.97 9.97 16.14
C LEU A 147 24.01 11.06 17.21
N LYS A 148 23.30 12.18 16.98
CA LYS A 148 23.11 13.16 18.02
C LYS A 148 22.23 12.65 19.16
N SER A 149 21.54 11.53 18.97
CA SER A 149 20.80 10.92 20.07
C SER A 149 21.70 10.14 21.02
N GLY A 150 22.92 9.80 20.59
CA GLY A 150 23.82 9.01 21.41
C GLY A 150 23.76 7.52 21.15
N THR A 151 22.84 7.06 20.31
CA THR A 151 22.68 5.65 19.98
C THR A 151 22.72 5.47 18.47
N ALA A 152 23.42 4.43 18.03
CA ALA A 152 23.57 4.13 16.61
C ALA A 152 22.83 2.84 16.29
N SER A 153 21.88 2.92 15.36
CA SER A 153 21.09 1.77 14.93
C SER A 153 21.53 1.39 13.51
N VAL A 154 22.03 0.17 13.35
CA VAL A 154 22.45 -0.34 12.06
C VAL A 154 21.43 -1.37 11.61
N VAL A 155 20.81 -1.14 10.46
CA VAL A 155 19.70 -1.95 9.97
C VAL A 155 20.17 -2.77 8.77
N CYS A 156 19.70 -4.02 8.70
CA CYS A 156 19.96 -4.91 7.58
C CYS A 156 18.64 -5.54 7.14
N LEU A 157 18.43 -5.60 5.82
CA LEU A 157 17.15 -6.02 5.27
C LEU A 157 17.33 -7.22 4.33
N LEU A 158 16.45 -8.20 4.48
CA LEU A 158 16.36 -9.35 3.59
C LEU A 158 14.97 -9.33 2.97
N ASN A 159 14.90 -9.15 1.66
CA ASN A 159 13.63 -8.87 0.99
C ASN A 159 13.21 -10.02 0.09
N ASN A 160 11.95 -10.44 0.22
CA ASN A 160 11.29 -11.38 -0.68
C ASN A 160 12.10 -12.67 -0.83
N PHE A 161 12.06 -13.48 0.21
CA PHE A 161 12.73 -14.76 0.22
C PHE A 161 11.79 -15.86 0.69
N TYR A 162 12.07 -17.08 0.24
CA TYR A 162 11.35 -18.28 0.65
C TYR A 162 12.37 -19.40 0.66
N PRO A 163 12.37 -20.27 1.68
CA PRO A 163 11.45 -20.29 2.81
C PRO A 163 11.74 -19.25 3.90
N ARG A 164 11.09 -19.41 5.05
CA ARG A 164 11.14 -18.38 6.09
C ARG A 164 12.48 -18.37 6.82
N GLU A 165 13.13 -19.53 6.94
CA GLU A 165 14.35 -19.61 7.74
C GLU A 165 15.50 -18.89 7.04
N ALA A 166 16.19 -18.03 7.79
CA ALA A 166 17.34 -17.30 7.30
C ALA A 166 18.22 -16.91 8.48
N LYS A 167 19.53 -16.99 8.29
CA LYS A 167 20.50 -16.71 9.35
C LYS A 167 21.26 -15.44 9.01
N VAL A 168 21.09 -14.41 9.85
CA VAL A 168 21.78 -13.14 9.70
C VAL A 168 22.85 -13.05 10.78
N GLN A 169 24.03 -12.57 10.42
CA GLN A 169 25.14 -12.43 11.34
C GLN A 169 25.75 -11.04 11.18
N TRP A 170 25.87 -10.32 12.29
CA TRP A 170 26.46 -8.99 12.30
C TRP A 170 27.95 -9.07 12.58
N LYS A 171 28.73 -8.32 11.81
CA LYS A 171 30.18 -8.30 11.95
C LYS A 171 30.65 -6.85 12.05
N VAL A 172 31.48 -6.55 13.04
CA VAL A 172 32.02 -5.22 13.27
C VAL A 172 33.53 -5.36 13.42
N ASP A 173 34.28 -4.87 12.42
CA ASP A 173 35.74 -5.02 12.37
C ASP A 173 36.13 -6.49 12.48
N ASN A 174 35.45 -7.32 11.69
CA ASN A 174 35.65 -8.76 11.64
C ASN A 174 35.36 -9.44 12.98
N ALA A 175 34.61 -8.77 13.86
CA ALA A 175 34.24 -9.32 15.16
C ALA A 175 32.73 -9.60 15.15
N LEU A 176 32.38 -10.87 15.27
CA LEU A 176 30.98 -11.28 15.29
C LEU A 176 30.23 -10.59 16.43
N GLN A 177 29.06 -10.06 16.12
CA GLN A 177 28.21 -9.41 17.11
C GLN A 177 27.13 -10.35 17.60
N SER A 178 26.92 -10.39 18.91
CA SER A 178 25.95 -11.27 19.53
C SER A 178 25.25 -10.54 20.67
N GLY A 179 23.97 -10.86 20.86
CA GLY A 179 23.21 -10.28 21.95
C GLY A 179 22.91 -8.80 21.81
N ASN A 180 23.11 -8.24 20.62
CA ASN A 180 22.86 -6.82 20.40
C ASN A 180 22.08 -6.58 19.10
N SER A 181 21.33 -7.57 18.63
CA SER A 181 20.58 -7.44 17.39
C SER A 181 19.25 -8.17 17.53
N GLN A 182 18.19 -7.54 17.07
CA GLN A 182 16.84 -8.10 17.12
C GLN A 182 16.28 -8.23 15.72
N GLU A 183 15.54 -9.30 15.47
CA GLU A 183 14.98 -9.58 14.15
C GLU A 183 13.45 -9.49 14.21
N SER A 184 12.88 -9.14 13.05
CA SER A 184 11.43 -9.08 12.90
C SER A 184 11.09 -9.50 11.48
N VAL A 185 10.11 -10.39 11.32
CA VAL A 185 9.79 -10.99 10.04
C VAL A 185 8.34 -10.68 9.70
N THR A 186 8.09 -10.31 8.44
CA THR A 186 6.74 -10.06 7.98
C THR A 186 5.98 -11.38 7.80
N GLU A 187 4.67 -11.26 7.64
CA GLU A 187 3.87 -12.41 7.26
C GLU A 187 4.08 -12.71 5.78
N GLN A 188 3.65 -13.91 5.36
CA GLN A 188 3.80 -14.31 3.97
C GLN A 188 3.01 -13.39 3.06
N ASP A 189 3.65 -12.96 1.97
CA ASP A 189 3.01 -12.04 1.04
C ASP A 189 1.76 -12.66 0.42
N SER A 190 0.79 -11.80 0.10
CA SER A 190 -0.48 -12.28 -0.43
C SER A 190 -0.38 -12.66 -1.90
N LYS A 191 0.51 -12.02 -2.66
CA LYS A 191 0.63 -12.25 -4.09
C LYS A 191 1.77 -13.18 -4.44
N ASP A 192 2.96 -12.95 -3.88
CA ASP A 192 4.12 -13.78 -4.19
C ASP A 192 4.44 -14.82 -3.10
N SER A 193 3.87 -14.65 -1.90
CA SER A 193 4.03 -15.61 -0.80
C SER A 193 5.50 -15.76 -0.39
N THR A 194 6.19 -14.64 -0.29
CA THR A 194 7.54 -14.59 0.26
C THR A 194 7.52 -13.89 1.61
N TYR A 195 8.67 -13.92 2.28
CA TYR A 195 8.87 -13.22 3.53
C TYR A 195 9.96 -12.17 3.37
N SER A 196 10.04 -11.28 4.34
CA SER A 196 11.10 -10.29 4.41
C SER A 196 11.50 -10.10 5.87
N LEU A 197 12.80 -9.92 6.09
CA LEU A 197 13.36 -9.86 7.43
C LEU A 197 14.13 -8.56 7.62
N SER A 198 13.96 -7.94 8.78
CA SER A 198 14.71 -6.75 9.16
C SER A 198 15.41 -7.01 10.48
N SER A 199 16.72 -6.76 10.50
CA SER A 199 17.54 -6.96 11.69
C SER A 199 18.23 -5.65 12.04
N THR A 200 18.13 -5.25 13.31
CA THR A 200 18.67 -3.97 13.78
C THR A 200 19.77 -4.24 14.79
N LEU A 201 20.98 -3.77 14.48
CA LEU A 201 22.11 -3.85 15.41
C LEU A 201 22.22 -2.52 16.14
N THR A 202 22.05 -2.55 17.46
CA THR A 202 22.07 -1.35 18.27
C THR A 202 23.42 -1.22 18.97
N LEU A 203 24.03 -0.04 18.83
CA LEU A 203 25.29 0.26 19.49
C LEU A 203 25.24 1.69 20.00
N SER A 204 26.04 1.97 21.03
CA SER A 204 26.21 3.33 21.48
C SER A 204 27.03 4.12 20.46
N LYS A 205 26.89 5.44 20.51
CA LYS A 205 27.67 6.28 19.60
C LYS A 205 29.17 6.14 19.86
N ALA A 206 29.56 5.91 21.13
CA ALA A 206 30.96 5.71 21.44
C ALA A 206 31.50 4.46 20.78
N ASP A 207 30.78 3.34 20.91
CA ASP A 207 31.22 2.10 20.26
C ASP A 207 31.14 2.20 18.74
N TYR A 208 30.15 2.94 18.22
CA TYR A 208 29.99 3.02 16.77
C TYR A 208 31.15 3.75 16.12
N GLU A 209 31.60 4.85 16.72
CA GLU A 209 32.73 5.61 16.18
C GLU A 209 34.07 4.93 16.41
N LYS A 210 34.13 3.94 17.31
CA LYS A 210 35.38 3.24 17.59
C LYS A 210 35.72 2.19 16.53
N HIS A 211 34.80 1.88 15.63
CA HIS A 211 35.01 0.85 14.64
C HIS A 211 34.77 1.40 13.24
N LYS A 212 35.29 0.68 12.25
CA LYS A 212 35.33 1.15 10.87
C LYS A 212 34.38 0.41 9.95
N VAL A 213 34.52 -0.91 9.85
CA VAL A 213 33.75 -1.73 8.93
C VAL A 213 32.55 -2.32 9.67
N TYR A 214 31.38 -2.25 9.04
CA TYR A 214 30.15 -2.81 9.59
C TYR A 214 29.48 -3.64 8.51
N ALA A 215 29.35 -4.95 8.75
CA ALA A 215 28.87 -5.88 7.76
C ALA A 215 27.70 -6.70 8.29
N CYS A 216 26.83 -7.12 7.37
CA CYS A 216 25.68 -7.97 7.69
C CYS A 216 25.72 -9.17 6.75
N GLU A 217 26.07 -10.34 7.29
CA GLU A 217 26.18 -11.56 6.51
C GLU A 217 24.88 -12.35 6.60
N VAL A 218 24.45 -12.91 5.47
CA VAL A 218 23.16 -13.59 5.36
C VAL A 218 23.39 -14.99 4.81
N THR A 219 22.79 -15.98 5.46
CA THR A 219 22.77 -17.36 4.98
C THR A 219 21.32 -17.77 4.73
N HIS A 220 21.05 -18.31 3.54
CA HIS A 220 19.71 -18.72 3.19
C HIS A 220 19.78 -19.95 2.30
N GLN A 221 18.63 -20.61 2.14
CA GLN A 221 18.56 -21.83 1.33
C GLN A 221 18.86 -21.53 -0.14
N GLY A 222 18.29 -20.46 -0.67
CA GLY A 222 18.47 -20.10 -2.07
C GLY A 222 19.79 -19.46 -2.42
N LEU A 223 20.76 -19.48 -1.50
CA LEU A 223 22.06 -18.87 -1.73
C LEU A 223 23.13 -19.95 -1.64
N SER A 224 23.94 -20.07 -2.69
CA SER A 224 25.06 -21.00 -2.68
C SER A 224 26.08 -20.61 -1.63
N SER A 225 26.60 -19.40 -1.71
CA SER A 225 27.51 -18.83 -0.74
C SER A 225 26.81 -17.75 0.09
N PRO A 226 27.30 -17.48 1.30
CA PRO A 226 26.69 -16.41 2.10
C PRO A 226 26.90 -15.05 1.46
N VAL A 227 25.83 -14.24 1.48
CA VAL A 227 25.88 -12.87 0.99
C VAL A 227 26.32 -11.96 2.12
N THR A 228 27.20 -11.00 1.80
CA THR A 228 27.73 -10.06 2.79
C THR A 228 27.65 -8.65 2.22
N LYS A 229 26.76 -7.83 2.80
CA LYS A 229 26.65 -6.42 2.47
C LYS A 229 27.23 -5.62 3.63
N SER A 230 28.13 -4.68 3.30
CA SER A 230 28.86 -3.95 4.32
C SER A 230 28.97 -2.49 3.93
N PHE A 231 29.44 -1.68 4.88
CA PHE A 231 29.77 -0.29 4.65
C PHE A 231 30.90 0.10 5.59
N ASN A 232 31.48 1.27 5.32
CA ASN A 232 32.51 1.84 6.18
C ASN A 232 31.98 3.12 6.80
N ARG A 233 32.16 3.27 8.11
CA ARG A 233 31.69 4.45 8.80
C ARG A 233 32.44 5.68 8.32
N GLY A 234 31.71 6.61 7.71
CA GLY A 234 32.31 7.81 7.16
C GLY A 234 33.05 7.57 5.85
CA GLU B 24 -26.63 -6.63 12.12
C GLU B 24 -26.22 -6.69 13.59
N VAL B 25 -25.72 -7.85 14.02
CA VAL B 25 -25.23 -8.01 15.38
C VAL B 25 -23.86 -7.38 15.48
N GLN B 26 -23.68 -6.46 16.43
CA GLN B 26 -22.43 -5.73 16.60
C GLN B 26 -21.96 -5.86 18.04
N LEU B 27 -20.64 -5.93 18.20
CA LEU B 27 -19.98 -5.94 19.51
C LEU B 27 -18.89 -4.89 19.49
N VAL B 28 -19.17 -3.71 20.03
CA VAL B 28 -18.23 -2.60 20.04
C VAL B 28 -17.60 -2.53 21.43
N GLN B 29 -16.27 -2.57 21.47
CA GLN B 29 -15.53 -2.56 22.72
C GLN B 29 -14.89 -1.21 22.98
N SER B 30 -14.44 -1.01 24.21
CA SER B 30 -13.83 0.25 24.58
C SER B 30 -12.47 0.40 23.89
N GLY B 31 -11.91 1.59 24.02
CA GLY B 31 -10.64 1.90 23.39
C GLY B 31 -9.47 1.30 24.12
N ALA B 32 -8.31 1.40 23.48
CA ALA B 32 -7.09 0.83 24.02
C ALA B 32 -6.73 1.48 25.36
N GLU B 33 -5.96 0.76 26.15
CA GLU B 33 -5.62 1.19 27.50
C GLU B 33 -4.13 0.98 27.77
N VAL B 34 -3.55 1.91 28.52
CA VAL B 34 -2.20 1.79 29.03
C VAL B 34 -2.27 1.55 30.54
N LYS B 35 -1.49 0.59 31.03
CA LYS B 35 -1.55 0.22 32.44
C LYS B 35 -0.14 0.02 32.97
N LYS B 36 0.02 0.23 34.27
CA LYS B 36 1.24 -0.04 35.01
C LYS B 36 1.02 -1.21 35.94
N PRO B 37 2.07 -1.96 36.27
CA PRO B 37 1.89 -3.18 37.07
C PRO B 37 1.20 -2.91 38.40
N GLY B 38 0.30 -3.81 38.78
CA GLY B 38 -0.44 -3.71 40.02
C GLY B 38 -1.77 -2.99 39.92
N GLU B 39 -2.06 -2.35 38.79
CA GLU B 39 -3.28 -1.57 38.63
C GLU B 39 -4.43 -2.48 38.21
N SER B 40 -5.55 -1.87 37.82
CA SER B 40 -6.74 -2.59 37.38
C SER B 40 -7.11 -2.15 35.97
N LEU B 41 -7.68 -3.09 35.20
CA LEU B 41 -8.24 -2.79 33.90
C LEU B 41 -9.72 -3.12 33.93
N LYS B 42 -10.52 -2.25 33.30
CA LYS B 42 -11.95 -2.47 33.16
C LYS B 42 -12.35 -2.14 31.72
N VAL B 43 -12.81 -3.17 31.01
CA VAL B 43 -13.16 -3.06 29.60
C VAL B 43 -14.67 -3.28 29.44
N SER B 44 -15.26 -2.53 28.50
CA SER B 44 -16.69 -2.60 28.24
C SER B 44 -16.93 -3.21 26.86
N CYS B 45 -18.12 -3.79 26.69
CA CYS B 45 -18.54 -4.41 25.43
C CYS B 45 -20.01 -4.08 25.21
N LYS B 46 -20.29 -3.17 24.28
CA LYS B 46 -21.66 -2.74 24.01
C LYS B 46 -22.25 -3.61 22.90
N ALA B 47 -23.26 -4.41 23.24
CA ALA B 47 -23.92 -5.27 22.28
C ALA B 47 -25.01 -4.50 21.54
N SER B 48 -25.35 -4.99 20.34
CA SER B 48 -26.34 -4.34 19.51
C SER B 48 -26.84 -5.31 18.46
N GLY B 49 -28.11 -5.16 18.09
CA GLY B 49 -28.69 -5.92 17.00
C GLY B 49 -29.33 -7.23 17.38
N TYR B 50 -29.61 -7.46 18.66
CA TYR B 50 -30.24 -8.71 19.09
C TYR B 50 -30.78 -8.51 20.50
N THR B 51 -31.51 -9.53 20.97
CA THR B 51 -32.02 -9.53 22.34
C THR B 51 -30.85 -9.76 23.30
N PHE B 52 -30.45 -8.70 24.00
CA PHE B 52 -29.22 -8.74 24.78
C PHE B 52 -29.28 -9.80 25.87
N THR B 53 -30.41 -9.93 26.55
CA THR B 53 -30.52 -10.84 27.70
C THR B 53 -30.66 -12.30 27.30
N SER B 54 -30.75 -12.61 26.02
CA SER B 54 -30.95 -13.99 25.57
C SER B 54 -29.65 -14.72 25.27
N TYR B 55 -28.52 -14.03 25.20
CA TYR B 55 -27.26 -14.63 24.78
C TYR B 55 -26.17 -14.35 25.80
N TYR B 56 -25.38 -15.38 26.11
CA TYR B 56 -24.22 -15.20 26.97
C TYR B 56 -23.21 -14.28 26.29
N MET B 57 -22.15 -13.94 27.04
CA MET B 57 -21.09 -13.08 26.54
C MET B 57 -19.76 -13.62 27.02
N HIS B 58 -18.91 -14.03 26.07
CA HIS B 58 -17.58 -14.52 26.39
C HIS B 58 -16.62 -13.36 26.60
N TRP B 59 -15.48 -13.68 27.22
CA TRP B 59 -14.35 -12.77 27.30
C TRP B 59 -13.08 -13.58 27.07
N VAL B 60 -12.40 -13.30 25.96
CA VAL B 60 -11.21 -14.03 25.56
C VAL B 60 -10.08 -13.04 25.34
N ARG B 61 -8.88 -13.40 25.79
CA ARG B 61 -7.70 -12.57 25.62
C ARG B 61 -6.66 -13.31 24.78
N GLN B 62 -5.74 -12.53 24.20
CA GLN B 62 -4.71 -13.10 23.34
C GLN B 62 -3.44 -12.27 23.52
N ALA B 63 -2.41 -12.88 24.12
CA ALA B 63 -1.12 -12.22 24.27
C ALA B 63 -0.50 -11.98 22.89
N PRO B 64 0.41 -11.01 22.78
CA PRO B 64 1.05 -10.74 21.49
C PRO B 64 1.81 -11.96 20.98
N GLY B 65 1.37 -12.46 19.83
CA GLY B 65 2.00 -13.61 19.21
C GLY B 65 1.59 -14.95 19.76
N GLN B 66 0.69 -15.00 20.74
CA GLN B 66 0.24 -16.23 21.34
C GLN B 66 -1.20 -16.52 20.91
N GLY B 67 -1.79 -17.56 21.49
CA GLY B 67 -3.11 -18.01 21.12
C GLY B 67 -4.22 -17.45 22.01
N LEU B 68 -5.45 -17.70 21.59
CA LEU B 68 -6.60 -17.26 22.36
C LEU B 68 -6.70 -18.01 23.68
N GLU B 69 -7.23 -17.34 24.70
CA GLU B 69 -7.34 -17.90 26.04
C GLU B 69 -8.67 -17.47 26.65
N TRP B 70 -9.52 -18.45 26.95
CA TRP B 70 -10.81 -18.17 27.53
C TRP B 70 -10.65 -17.68 28.97
N MET B 71 -11.36 -16.60 29.31
CA MET B 71 -11.34 -16.04 30.66
C MET B 71 -12.63 -16.25 31.42
N GLY B 72 -13.74 -16.35 30.73
CA GLY B 72 -15.02 -16.57 31.39
C GLY B 72 -16.18 -16.08 30.56
N ALA B 73 -17.37 -16.24 31.12
CA ALA B 73 -18.59 -15.79 30.48
C ALA B 73 -19.58 -15.37 31.56
N ILE B 74 -20.60 -14.61 31.14
CA ILE B 74 -21.61 -14.09 32.05
C ILE B 74 -22.99 -14.27 31.42
N GLU B 75 -23.94 -14.74 32.22
CA GLU B 75 -25.34 -14.81 31.82
C GLU B 75 -25.99 -13.47 32.06
N PRO B 76 -26.34 -12.72 31.01
CA PRO B 76 -26.75 -11.32 31.21
C PRO B 76 -28.16 -11.16 31.79
N MET B 77 -29.00 -12.21 31.74
CA MET B 77 -30.35 -12.05 32.25
C MET B 77 -30.38 -11.96 33.77
N TYR B 78 -29.62 -12.82 34.45
CA TYR B 78 -29.59 -12.83 35.91
C TYR B 78 -28.17 -12.74 36.47
N GLY B 79 -27.20 -12.34 35.65
CA GLY B 79 -25.88 -12.00 36.15
C GLY B 79 -24.99 -13.14 36.55
N SER B 80 -25.39 -14.38 36.30
N SER B 80 -25.39 -14.38 36.30
CA SER B 80 -24.56 -15.52 36.66
CA SER B 80 -24.56 -15.52 36.66
C SER B 80 -23.31 -15.55 35.79
C SER B 80 -23.31 -15.55 35.79
N THR B 81 -22.19 -15.95 36.39
CA THR B 81 -20.90 -15.95 35.73
C THR B 81 -20.25 -17.32 35.83
N SER B 82 -19.10 -17.44 35.16
CA SER B 82 -18.28 -18.65 35.12
C SER B 82 -16.89 -18.26 34.63
N TYR B 83 -15.85 -18.57 35.41
CA TYR B 83 -14.51 -18.11 35.08
C TYR B 83 -13.57 -19.29 34.90
N ALA B 84 -12.55 -19.09 34.06
CA ALA B 84 -11.43 -20.02 34.01
C ALA B 84 -10.67 -19.97 35.33
N GLN B 85 -10.13 -21.12 35.73
CA GLN B 85 -9.54 -21.23 37.06
C GLN B 85 -8.25 -20.44 37.20
N LYS B 86 -7.60 -20.09 36.09
CA LYS B 86 -6.42 -19.25 36.17
C LYS B 86 -6.77 -17.80 36.52
N PHE B 87 -8.00 -17.37 36.25
CA PHE B 87 -8.41 -16.00 36.53
C PHE B 87 -9.38 -15.88 37.69
N GLN B 88 -9.84 -16.99 38.27
CA GLN B 88 -10.71 -16.92 39.43
C GLN B 88 -9.98 -16.24 40.60
N GLY B 89 -10.69 -15.38 41.31
CA GLY B 89 -10.07 -14.56 42.33
C GLY B 89 -9.37 -13.32 41.80
N ARG B 90 -9.47 -13.06 40.49
CA ARG B 90 -8.84 -11.89 39.90
C ARG B 90 -9.67 -11.23 38.80
N VAL B 91 -10.62 -11.95 38.19
CA VAL B 91 -11.46 -11.39 37.13
C VAL B 91 -12.85 -11.15 37.70
N THR B 92 -13.50 -10.10 37.19
CA THR B 92 -14.85 -9.76 37.60
C THR B 92 -15.64 -9.32 36.38
N MET B 93 -16.80 -9.94 36.16
CA MET B 93 -17.63 -9.67 35.00
C MET B 93 -19.01 -9.21 35.46
N THR B 94 -19.47 -8.08 34.92
CA THR B 94 -20.79 -7.54 35.18
C THR B 94 -21.43 -7.17 33.86
N ARG B 95 -22.71 -6.80 33.93
CA ARG B 95 -23.43 -6.35 32.75
C ARG B 95 -24.50 -5.34 33.16
N ASP B 96 -24.85 -4.46 32.23
CA ASP B 96 -25.90 -3.47 32.42
C ASP B 96 -26.96 -3.72 31.35
N THR B 97 -28.07 -4.34 31.75
CA THR B 97 -29.11 -4.71 30.79
C THR B 97 -29.74 -3.49 30.14
N SER B 98 -29.88 -2.40 30.90
CA SER B 98 -30.51 -1.19 30.38
C SER B 98 -29.66 -0.50 29.31
N THR B 99 -28.37 -0.81 29.24
CA THR B 99 -27.50 -0.28 28.20
C THR B 99 -26.92 -1.36 27.31
N SER B 100 -27.29 -2.63 27.51
CA SER B 100 -26.78 -3.74 26.71
C SER B 100 -25.26 -3.80 26.72
N THR B 101 -24.66 -3.44 27.85
CA THR B 101 -23.21 -3.34 27.98
C THR B 101 -22.72 -4.40 28.95
N VAL B 102 -21.67 -5.12 28.55
CA VAL B 102 -21.00 -6.11 29.39
C VAL B 102 -19.67 -5.54 29.83
N TYR B 103 -19.33 -5.73 31.10
CA TYR B 103 -18.10 -5.22 31.68
C TYR B 103 -17.23 -6.36 32.18
N MET B 104 -15.93 -6.24 31.94
CA MET B 104 -14.93 -7.17 32.46
C MET B 104 -13.88 -6.36 33.21
N GLU B 105 -13.37 -6.93 34.30
CA GLU B 105 -12.36 -6.26 35.11
C GLU B 105 -11.34 -7.29 35.58
N LEU B 106 -10.06 -6.91 35.52
CA LEU B 106 -8.96 -7.76 35.97
C LEU B 106 -8.06 -6.94 36.89
N SER B 107 -7.78 -7.47 38.07
CA SER B 107 -7.03 -6.77 39.10
C SER B 107 -5.58 -7.27 39.15
N SER B 108 -4.76 -6.54 39.90
CA SER B 108 -3.37 -6.88 40.17
C SER B 108 -2.62 -7.21 38.87
N LEU B 109 -2.65 -6.25 37.95
CA LEU B 109 -2.10 -6.49 36.63
C LEU B 109 -0.58 -6.61 36.66
N ARG B 110 -0.07 -7.54 35.87
CA ARG B 110 1.35 -7.71 35.65
C ARG B 110 1.64 -7.61 34.15
N SER B 111 2.94 -7.56 33.81
CA SER B 111 3.32 -7.42 32.40
C SER B 111 2.82 -8.59 31.56
N GLU B 112 2.63 -9.75 32.17
CA GLU B 112 2.08 -10.90 31.47
C GLU B 112 0.63 -10.70 31.05
N ASP B 113 -0.05 -9.69 31.60
CA ASP B 113 -1.44 -9.42 31.25
C ASP B 113 -1.59 -8.56 30.01
N THR B 114 -0.47 -8.18 29.37
CA THR B 114 -0.54 -7.43 28.13
C THR B 114 -1.12 -8.31 27.03
N ALA B 115 -2.30 -7.95 26.52
CA ALA B 115 -3.00 -8.76 25.54
C ALA B 115 -4.13 -7.94 24.94
N VAL B 116 -4.71 -8.47 23.86
CA VAL B 116 -5.92 -7.94 23.27
C VAL B 116 -7.10 -8.71 23.85
N TYR B 117 -8.05 -7.99 24.44
CA TYR B 117 -9.16 -8.60 25.14
C TYR B 117 -10.42 -8.50 24.29
N TYR B 118 -10.97 -9.66 23.91
CA TYR B 118 -12.16 -9.72 23.09
C TYR B 118 -13.37 -10.08 23.93
N CYS B 119 -14.52 -9.51 23.58
CA CYS B 119 -15.81 -10.00 24.03
C CYS B 119 -16.44 -10.77 22.88
N ALA B 120 -17.21 -11.81 23.22
CA ALA B 120 -17.77 -12.67 22.20
C ALA B 120 -19.15 -13.15 22.65
N ARG B 121 -20.14 -13.00 21.78
CA ARG B 121 -21.49 -13.43 22.12
C ARG B 121 -21.59 -14.95 22.08
N GLY B 122 -22.06 -15.54 23.18
CA GLY B 122 -22.33 -16.96 23.19
C GLY B 122 -23.49 -17.30 22.26
N SER B 123 -23.34 -18.41 21.56
CA SER B 123 -24.31 -18.81 20.55
C SER B 123 -25.41 -19.68 21.16
N ALA B 124 -26.60 -19.56 20.56
CA ALA B 124 -27.73 -20.44 20.87
C ALA B 124 -28.06 -20.46 22.37
N TYR B 125 -28.09 -19.27 22.96
CA TYR B 125 -28.55 -19.05 24.33
C TYR B 125 -27.67 -19.72 25.38
N TYR B 126 -26.44 -20.08 25.04
CA TYR B 126 -25.47 -20.58 26.01
C TYR B 126 -24.09 -20.13 25.55
N TYR B 127 -23.04 -20.65 26.20
CA TYR B 127 -21.67 -20.31 25.87
C TYR B 127 -20.86 -21.56 25.49
N ASP B 128 -21.50 -22.48 24.77
CA ASP B 128 -20.76 -23.60 24.20
C ASP B 128 -19.74 -23.12 23.19
N PHE B 129 -20.11 -22.11 22.39
CA PHE B 129 -19.19 -21.49 21.45
C PHE B 129 -19.67 -20.07 21.19
N ALA B 130 -18.84 -19.31 20.47
CA ALA B 130 -19.10 -17.90 20.20
C ALA B 130 -19.32 -17.70 18.71
N ASP B 131 -20.44 -17.05 18.36
CA ASP B 131 -20.79 -16.79 16.97
C ASP B 131 -20.49 -15.38 16.52
N TYR B 132 -20.21 -14.46 17.46
CA TYR B 132 -19.85 -13.09 17.13
C TYR B 132 -18.74 -12.63 18.05
N TRP B 133 -17.88 -11.75 17.52
CA TRP B 133 -16.73 -11.26 18.26
C TRP B 133 -16.68 -9.74 18.17
N GLY B 134 -16.12 -9.12 19.21
CA GLY B 134 -15.82 -7.71 19.17
C GLY B 134 -14.53 -7.43 18.43
N GLN B 135 -14.20 -6.15 18.30
CA GLN B 135 -12.98 -5.76 17.61
C GLN B 135 -11.74 -5.89 18.47
N GLY B 136 -11.89 -6.10 19.77
CA GLY B 136 -10.73 -6.26 20.64
C GLY B 136 -10.24 -4.94 21.21
N THR B 137 -9.63 -5.04 22.39
CA THR B 137 -9.11 -3.87 23.10
C THR B 137 -7.70 -4.16 23.55
N LEU B 138 -6.76 -3.32 23.15
CA LEU B 138 -5.36 -3.49 23.52
C LEU B 138 -5.10 -2.92 24.91
N VAL B 139 -4.54 -3.74 25.78
CA VAL B 139 -4.16 -3.33 27.13
C VAL B 139 -2.69 -3.65 27.31
N THR B 140 -1.86 -2.61 27.40
CA THR B 140 -0.42 -2.75 27.57
C THR B 140 -0.08 -2.47 29.03
N VAL B 141 0.23 -3.52 29.79
CA VAL B 141 0.66 -3.38 31.17
C VAL B 141 2.18 -3.23 31.17
N SER B 142 2.66 -2.04 31.52
CA SER B 142 4.07 -1.73 31.42
C SER B 142 4.42 -0.61 32.38
N SER B 143 5.69 -0.57 32.79
CA SER B 143 6.19 0.54 33.58
C SER B 143 6.45 1.76 32.72
N ALA B 144 6.64 1.58 31.42
CA ALA B 144 6.86 2.70 30.52
C ALA B 144 5.58 3.52 30.36
N SER B 145 5.75 4.77 29.93
CA SER B 145 4.64 5.70 29.71
C SER B 145 4.54 6.05 28.23
N THR B 146 3.41 6.64 27.87
CA THR B 146 3.12 6.92 26.47
C THR B 146 4.14 7.90 25.89
N LYS B 147 4.73 7.54 24.76
CA LYS B 147 5.72 8.37 24.10
C LYS B 147 5.63 8.17 22.60
N GLY B 148 5.68 9.29 21.85
CA GLY B 148 5.73 9.24 20.42
C GLY B 148 7.09 8.81 19.92
N PRO B 149 7.14 8.26 18.72
CA PRO B 149 8.39 7.69 18.21
C PRO B 149 9.31 8.76 17.60
N SER B 150 10.55 8.36 17.40
CA SER B 150 11.54 9.13 16.65
C SER B 150 11.76 8.46 15.30
N VAL B 151 11.63 9.23 14.23
CA VAL B 151 11.73 8.71 12.86
C VAL B 151 13.07 9.12 12.28
N PHE B 152 13.77 8.16 11.69
CA PHE B 152 15.08 8.39 11.09
C PHE B 152 15.10 7.80 9.68
N PRO B 153 15.84 8.43 8.76
CA PRO B 153 15.87 7.93 7.39
C PRO B 153 16.86 6.79 7.21
N LEU B 154 16.45 5.78 6.45
CA LEU B 154 17.33 4.68 6.05
C LEU B 154 17.75 4.97 4.60
N ALA B 155 18.88 5.65 4.45
CA ALA B 155 19.28 6.13 3.14
C ALA B 155 19.69 4.97 2.24
N PRO B 156 19.35 5.01 0.96
CA PRO B 156 19.75 3.94 0.05
C PRO B 156 21.24 4.00 -0.27
N SER B 157 21.78 2.85 -0.67
CA SER B 157 23.20 2.74 -0.97
C SER B 157 23.47 3.12 -2.43
N SER B 158 24.72 2.99 -2.84
CA SER B 158 25.13 3.32 -4.20
C SER B 158 25.42 2.05 -5.00
N THR B 165 17.65 -2.20 -8.66
CA THR B 165 16.70 -2.05 -7.55
C THR B 165 17.39 -1.49 -6.31
N ALA B 166 16.80 -0.44 -5.74
CA ALA B 166 17.31 0.18 -4.52
C ALA B 166 16.28 0.06 -3.42
N ALA B 167 16.72 0.26 -2.18
CA ALA B 167 15.86 0.12 -1.02
C ALA B 167 16.15 1.24 -0.02
N LEU B 168 15.08 1.79 0.55
CA LEU B 168 15.18 2.80 1.61
C LEU B 168 13.99 2.63 2.53
N GLY B 169 14.01 3.35 3.64
CA GLY B 169 12.92 3.23 4.57
C GLY B 169 13.07 4.19 5.73
N CYS B 170 12.18 4.07 6.70
CA CYS B 170 12.24 4.87 7.90
C CYS B 170 12.34 3.97 9.11
N LEU B 171 13.02 4.46 10.14
CA LEU B 171 13.20 3.74 11.40
C LEU B 171 12.35 4.41 12.46
N VAL B 172 11.34 3.70 12.93
CA VAL B 172 10.38 4.22 13.90
C VAL B 172 10.79 3.62 15.24
N LYS B 173 11.59 4.37 16.00
CA LYS B 173 12.27 3.86 17.18
C LYS B 173 11.78 4.56 18.43
N ASP B 174 11.69 3.80 19.53
CA ASP B 174 11.44 4.31 20.87
C ASP B 174 10.08 5.01 20.94
N TYR B 175 9.03 4.18 20.95
CA TYR B 175 7.68 4.68 21.17
C TYR B 175 6.95 3.71 22.10
N PHE B 176 5.87 4.23 22.71
CA PHE B 176 5.05 3.43 23.60
C PHE B 176 3.71 4.12 23.72
N PRO B 177 2.59 3.37 23.70
CA PRO B 177 2.61 1.93 23.43
C PRO B 177 2.43 1.65 21.95
N GLU B 178 2.07 0.41 21.62
CA GLU B 178 1.68 0.07 20.26
C GLU B 178 0.22 0.49 20.03
N PRO B 179 -0.20 0.62 18.77
CA PRO B 179 0.53 0.44 17.51
C PRO B 179 0.99 1.73 16.86
N VAL B 180 1.78 1.60 15.79
CA VAL B 180 2.15 2.72 14.93
C VAL B 180 2.06 2.25 13.49
N THR B 181 1.62 3.13 12.61
CA THR B 181 1.41 2.80 11.20
C THR B 181 2.19 3.76 10.32
N VAL B 182 2.65 3.26 9.18
CA VAL B 182 3.46 4.03 8.24
C VAL B 182 2.84 3.94 6.86
N SER B 183 2.70 5.08 6.20
CA SER B 183 2.34 5.16 4.79
C SER B 183 3.46 5.85 4.04
N TRP B 184 3.54 5.59 2.74
CA TRP B 184 4.62 6.10 1.90
C TRP B 184 4.04 6.97 0.79
N ASN B 185 4.51 8.21 0.72
CA ASN B 185 4.02 9.20 -0.24
C ASN B 185 2.50 9.36 -0.13
N SER B 186 2.01 9.42 1.11
CA SER B 186 0.59 9.65 1.41
C SER B 186 -0.30 8.61 0.73
N GLY B 187 0.17 7.37 0.68
CA GLY B 187 -0.60 6.27 0.14
C GLY B 187 -0.43 6.02 -1.33
N ALA B 188 0.25 6.91 -2.06
CA ALA B 188 0.51 6.67 -3.48
C ALA B 188 1.47 5.52 -3.72
N LEU B 189 2.33 5.22 -2.75
CA LEU B 189 3.31 4.14 -2.87
C LEU B 189 2.83 2.96 -2.03
N THR B 190 2.33 1.92 -2.69
CA THR B 190 1.74 0.77 -2.00
C THR B 190 2.53 -0.51 -2.24
N SER B 191 2.64 -0.97 -3.49
CA SER B 191 3.31 -2.24 -3.77
C SER B 191 4.82 -2.09 -3.63
N GLY B 192 5.44 -3.07 -2.98
CA GLY B 192 6.85 -3.01 -2.65
C GLY B 192 7.15 -2.53 -1.26
N VAL B 193 6.14 -2.24 -0.45
CA VAL B 193 6.31 -1.70 0.89
C VAL B 193 6.11 -2.83 1.90
N HIS B 194 7.05 -2.96 2.82
CA HIS B 194 6.97 -3.92 3.91
C HIS B 194 7.15 -3.17 5.22
N THR B 195 6.09 -3.08 6.02
CA THR B 195 6.15 -2.53 7.37
C THR B 195 6.25 -3.70 8.34
N PHE B 196 7.38 -3.76 9.05
CA PHE B 196 7.71 -4.93 9.86
C PHE B 196 7.02 -4.89 11.21
N PRO B 197 6.79 -6.05 11.83
CA PRO B 197 6.31 -6.07 13.21
C PRO B 197 7.30 -5.40 14.14
N ALA B 198 6.78 -4.63 15.09
CA ALA B 198 7.62 -3.86 15.99
C ALA B 198 8.30 -4.77 17.00
N VAL B 199 9.43 -4.30 17.52
CA VAL B 199 10.20 -5.03 18.51
C VAL B 199 10.19 -4.24 19.81
N LEU B 200 10.00 -4.95 20.91
CA LEU B 200 10.08 -4.33 22.23
C LEU B 200 11.52 -4.39 22.72
N GLN B 201 12.06 -3.22 23.06
CA GLN B 201 13.48 -3.09 23.37
C GLN B 201 13.72 -3.32 24.87
N SER B 202 15.01 -3.30 25.24
CA SER B 202 15.38 -3.43 26.65
C SER B 202 14.84 -2.27 27.48
N SER B 203 14.66 -1.11 26.87
CA SER B 203 14.18 0.09 27.57
C SER B 203 12.68 0.06 27.84
N GLY B 204 11.95 -0.90 27.29
CA GLY B 204 10.51 -0.92 27.41
C GLY B 204 9.77 -0.18 26.32
N LEU B 205 10.47 0.46 25.40
CA LEU B 205 9.86 1.14 24.27
C LEU B 205 9.97 0.27 23.02
N TYR B 206 8.98 0.42 22.14
CA TYR B 206 8.93 -0.37 20.93
C TYR B 206 9.82 0.25 19.86
N SER B 207 9.93 -0.45 18.72
CA SER B 207 10.77 -0.03 17.61
C SER B 207 10.42 -0.86 16.38
N LEU B 208 10.24 -0.21 15.22
CA LEU B 208 9.98 -0.98 14.01
C LEU B 208 10.60 -0.27 12.81
N SER B 209 10.58 -0.98 11.68
CA SER B 209 11.11 -0.50 10.41
C SER B 209 10.03 -0.61 9.35
N SER B 210 10.09 0.29 8.38
CA SER B 210 9.19 0.25 7.22
C SER B 210 10.01 0.65 6.00
N VAL B 211 10.14 -0.28 5.05
CA VAL B 211 11.01 -0.06 3.89
C VAL B 211 10.20 -0.12 2.60
N VAL B 212 10.87 0.11 1.47
CA VAL B 212 10.25 0.03 0.16
C VAL B 212 11.36 -0.09 -0.88
N THR B 213 11.18 -0.98 -1.84
CA THR B 213 12.14 -1.20 -2.91
C THR B 213 11.72 -0.43 -4.15
N VAL B 214 12.67 0.32 -4.72
CA VAL B 214 12.40 1.14 -5.89
C VAL B 214 13.55 0.98 -6.88
N PRO B 215 13.32 1.32 -8.15
CA PRO B 215 14.43 1.35 -9.10
C PRO B 215 15.47 2.37 -8.69
N SER B 216 16.74 2.02 -8.91
CA SER B 216 17.81 3.00 -8.70
C SER B 216 17.72 4.16 -9.67
N SER B 217 16.89 4.07 -10.70
CA SER B 217 16.77 5.14 -11.68
C SER B 217 16.06 6.36 -11.09
N SER B 218 15.17 6.16 -10.12
CA SER B 218 14.29 7.20 -9.63
C SER B 218 14.84 7.98 -8.44
N LEU B 219 15.99 7.58 -7.89
CA LEU B 219 16.46 8.19 -6.65
C LEU B 219 16.80 9.67 -6.81
N GLY B 220 17.08 10.12 -8.04
CA GLY B 220 17.49 11.49 -8.25
C GLY B 220 16.35 12.47 -8.41
N THR B 221 15.19 11.99 -8.87
CA THR B 221 14.05 12.85 -9.17
C THR B 221 12.87 12.63 -8.24
N GLN B 222 12.51 11.38 -7.98
CA GLN B 222 11.34 11.09 -7.17
C GLN B 222 11.66 11.23 -5.68
N THR B 223 10.80 11.93 -4.96
CA THR B 223 10.93 12.07 -3.52
C THR B 223 10.15 10.98 -2.80
N TYR B 224 10.67 10.56 -1.65
CA TYR B 224 10.10 9.45 -0.89
C TYR B 224 9.89 9.91 0.55
N ILE B 225 8.63 9.91 0.98
CA ILE B 225 8.24 10.40 2.30
C ILE B 225 7.55 9.26 3.04
N CYS B 226 7.91 9.07 4.30
CA CYS B 226 7.19 8.16 5.17
C CYS B 226 6.31 9.00 6.08
N ASN B 227 5.04 8.62 6.20
CA ASN B 227 4.02 9.34 6.96
C ASN B 227 3.66 8.46 8.16
N VAL B 228 4.46 8.57 9.20
CA VAL B 228 4.28 7.78 10.41
C VAL B 228 3.15 8.39 11.24
N ASN B 229 2.30 7.54 11.80
CA ASN B 229 1.18 7.99 12.62
C ASN B 229 1.11 7.10 13.86
N HIS B 230 1.34 7.69 15.03
CA HIS B 230 1.26 7.00 16.31
C HIS B 230 0.03 7.53 17.04
N LYS B 231 -1.11 6.89 16.79
CA LYS B 231 -2.36 7.34 17.41
C LYS B 231 -2.35 7.27 18.93
N PRO B 232 -1.74 6.28 19.59
CA PRO B 232 -1.70 6.32 21.07
C PRO B 232 -1.16 7.62 21.64
N SER B 233 -0.15 8.20 21.01
CA SER B 233 0.36 9.51 21.40
C SER B 233 -0.12 10.62 20.48
N ASN B 234 -0.94 10.30 19.48
CA ASN B 234 -1.39 11.25 18.47
C ASN B 234 -0.20 11.93 17.78
N THR B 235 0.84 11.14 17.55
CA THR B 235 2.05 11.63 16.88
C THR B 235 1.96 11.34 15.39
N LYS B 236 2.19 12.36 14.57
CA LYS B 236 2.18 12.24 13.13
C LYS B 236 3.42 12.94 12.58
N VAL B 237 4.32 12.17 11.97
CA VAL B 237 5.60 12.68 11.49
C VAL B 237 5.77 12.32 10.02
N ASP B 238 6.29 13.26 9.25
CA ASP B 238 6.65 13.03 7.85
C ASP B 238 8.15 13.22 7.69
N LYS B 239 8.83 12.18 7.21
CA LYS B 239 10.28 12.19 7.06
C LYS B 239 10.64 11.92 5.60
N LYS B 240 11.56 12.71 5.07
CA LYS B 240 12.04 12.55 3.70
C LYS B 240 13.34 11.76 3.71
N VAL B 241 13.33 10.62 3.01
CA VAL B 241 14.50 9.76 2.91
C VAL B 241 15.16 10.03 1.56
N GLU B 242 16.36 10.61 1.60
CA GLU B 242 17.09 10.96 0.40
C GLU B 242 18.49 10.36 0.45
N PRO B 243 19.10 10.10 -0.71
CA PRO B 243 20.45 9.53 -0.81
C PRO B 243 21.49 10.33 -0.03
N SER C 24 9.90 18.94 -39.11
CA SER C 24 10.51 18.45 -40.33
C SER C 24 10.63 16.94 -40.32
N TYR C 25 11.49 16.42 -39.44
CA TYR C 25 11.72 14.99 -39.34
C TYR C 25 10.58 14.29 -38.61
N VAL C 26 10.43 13.00 -38.87
CA VAL C 26 9.36 12.19 -38.30
C VAL C 26 9.97 10.93 -37.69
N LEU C 27 9.63 10.65 -36.44
CA LEU C 27 10.02 9.43 -35.76
C LEU C 27 8.78 8.56 -35.56
N THR C 28 8.87 7.30 -35.99
CA THR C 28 7.74 6.38 -35.95
C THR C 28 8.03 5.29 -34.92
N GLN C 29 7.13 5.15 -33.95
CA GLN C 29 7.21 4.14 -32.92
C GLN C 29 5.88 3.39 -32.82
N PRO C 30 5.93 2.09 -32.55
CA PRO C 30 4.68 1.35 -32.31
C PRO C 30 4.05 1.78 -30.98
N SER C 31 2.73 1.65 -30.92
CA SER C 31 2.01 2.08 -29.72
C SER C 31 2.30 1.16 -28.54
N SER C 32 2.33 -0.15 -28.77
CA SER C 32 2.44 -1.11 -27.69
C SER C 32 3.39 -2.24 -28.08
N VAL C 33 3.94 -2.90 -27.06
CA VAL C 33 4.77 -4.10 -27.21
C VAL C 33 4.52 -5.01 -26.02
N SER C 34 4.21 -6.27 -26.30
CA SER C 34 3.94 -7.25 -25.26
C SER C 34 4.98 -8.37 -25.31
N VAL C 35 5.47 -8.77 -24.14
CA VAL C 35 6.50 -9.80 -24.04
C VAL C 35 6.26 -10.62 -22.79
N ALA C 36 6.53 -11.93 -22.88
CA ALA C 36 6.43 -12.81 -21.73
C ALA C 36 7.53 -12.50 -20.72
N PRO C 37 7.33 -12.86 -19.46
CA PRO C 37 8.37 -12.60 -18.45
C PRO C 37 9.68 -13.30 -18.79
N GLY C 38 10.79 -12.63 -18.47
CA GLY C 38 12.11 -13.15 -18.73
C GLY C 38 12.52 -13.18 -20.19
N GLN C 39 11.60 -12.99 -21.12
CA GLN C 39 11.90 -13.07 -22.54
C GLN C 39 12.34 -11.72 -23.08
N THR C 40 12.92 -11.75 -24.27
CA THR C 40 13.54 -10.56 -24.86
C THR C 40 12.50 -9.67 -25.52
N ALA C 41 12.58 -8.37 -25.26
CA ALA C 41 11.70 -7.39 -25.86
C ALA C 41 12.46 -6.55 -26.89
N THR C 42 11.73 -6.10 -27.91
CA THR C 42 12.32 -5.36 -29.03
C THR C 42 11.42 -4.18 -29.36
N ILE C 43 12.02 -2.99 -29.45
CA ILE C 43 11.28 -1.77 -29.71
C ILE C 43 11.93 -1.03 -30.88
N SER C 44 11.14 -0.72 -31.89
CA SER C 44 11.62 -0.11 -33.12
C SER C 44 11.45 1.41 -33.10
N CYS C 45 12.18 2.07 -33.99
CA CYS C 45 12.02 3.50 -34.23
C CYS C 45 12.46 3.79 -35.64
N GLY C 46 11.53 4.21 -36.49
CA GLY C 46 11.83 4.42 -37.89
C GLY C 46 11.83 5.88 -38.34
N GLY C 47 12.53 6.16 -39.43
CA GLY C 47 12.61 7.49 -39.99
C GLY C 47 13.45 7.50 -41.25
N HIS C 48 13.25 8.50 -42.11
CA HIS C 48 13.96 8.55 -43.38
C HIS C 48 15.46 8.64 -43.16
N ASN C 49 16.17 7.59 -43.54
CA ASN C 49 17.61 7.41 -43.28
C ASN C 49 17.93 7.76 -41.83
N ILE C 50 17.32 7.01 -40.92
CA ILE C 50 17.59 7.18 -39.50
C ILE C 50 18.99 6.72 -39.14
N GLY C 51 19.63 5.92 -40.00
CA GLY C 51 20.99 5.50 -39.74
C GLY C 51 22.01 6.61 -39.83
N SER C 52 21.68 7.71 -40.52
CA SER C 52 22.55 8.86 -40.61
C SER C 52 22.53 9.71 -39.33
N LYS C 53 21.82 9.29 -38.30
CA LYS C 53 21.68 10.06 -37.08
C LYS C 53 22.03 9.19 -35.87
N ASN C 54 22.29 9.87 -34.75
CA ASN C 54 22.45 9.19 -33.47
C ASN C 54 21.09 9.06 -32.81
N VAL C 55 20.75 7.85 -32.38
CA VAL C 55 19.45 7.56 -31.78
C VAL C 55 19.65 7.31 -30.29
N HIS C 56 18.82 7.95 -29.48
CA HIS C 56 18.85 7.82 -28.03
C HIS C 56 17.51 7.30 -27.55
N TRP C 57 17.52 6.65 -26.40
CA TRP C 57 16.33 6.01 -25.85
C TRP C 57 16.12 6.43 -24.40
N TYR C 58 14.86 6.65 -24.04
CA TYR C 58 14.48 7.11 -22.71
C TYR C 58 13.38 6.24 -22.15
N GLN C 59 13.60 5.71 -20.95
CA GLN C 59 12.58 4.94 -20.23
C GLN C 59 11.88 5.85 -19.25
N GLN C 60 10.55 5.80 -19.23
CA GLN C 60 9.75 6.60 -18.32
C GLN C 60 8.66 5.73 -17.71
N ARG C 61 8.82 5.40 -16.43
CA ARG C 61 7.75 4.72 -15.71
C ARG C 61 6.59 5.71 -15.48
N PRO C 62 5.35 5.19 -15.33
CA PRO C 62 4.14 6.04 -15.42
C PRO C 62 4.27 7.49 -14.95
N GLY C 63 4.39 7.69 -13.64
CA GLY C 63 4.43 9.03 -13.08
C GLY C 63 5.82 9.58 -12.80
N GLN C 64 6.87 8.96 -13.31
CA GLN C 64 8.23 9.39 -13.02
C GLN C 64 8.79 10.21 -14.19
N SER C 65 10.02 10.69 -14.00
CA SER C 65 10.75 11.40 -15.05
C SER C 65 11.45 10.41 -15.97
N PRO C 66 11.69 10.79 -17.22
CA PRO C 66 12.36 9.87 -18.15
C PRO C 66 13.79 9.58 -17.72
N VAL C 67 14.26 8.39 -18.07
CA VAL C 67 15.60 7.92 -17.75
C VAL C 67 16.30 7.52 -19.04
N LEU C 68 17.46 8.11 -19.27
CA LEU C 68 18.26 7.74 -20.44
C LEU C 68 18.83 6.34 -20.26
N VAL C 69 18.57 5.46 -21.24
CA VAL C 69 18.98 4.07 -21.13
C VAL C 69 19.99 3.72 -22.21
N ILE C 70 19.88 4.36 -23.37
CA ILE C 70 20.78 4.13 -24.50
C ILE C 70 20.99 5.46 -25.22
N TYR C 71 22.24 5.80 -25.49
CA TYR C 71 22.59 7.00 -26.24
C TYR C 71 23.56 6.65 -27.35
N GLN C 72 23.49 7.41 -28.43
CA GLN C 72 24.32 7.22 -29.62
C GLN C 72 24.19 5.79 -30.14
N ASP C 73 22.95 5.44 -30.50
CA ASP C 73 22.59 4.17 -31.12
C ASP C 73 22.78 2.97 -30.19
N ASN C 74 23.97 2.82 -29.60
CA ASN C 74 24.32 1.60 -28.89
C ASN C 74 24.92 1.80 -27.51
N LYS C 75 25.43 2.98 -27.17
CA LYS C 75 26.16 3.15 -25.92
C LYS C 75 25.21 3.22 -24.73
N ARG C 76 25.72 2.82 -23.57
CA ARG C 76 24.93 2.59 -22.39
C ARG C 76 25.47 3.42 -21.22
N PRO C 77 24.64 4.21 -20.55
CA PRO C 77 25.11 4.98 -19.39
C PRO C 77 25.40 4.07 -18.21
N SER C 78 26.10 4.64 -17.22
CA SER C 78 26.41 3.91 -16.01
C SER C 78 25.13 3.64 -15.21
N GLY C 79 25.12 2.50 -14.53
CA GLY C 79 23.97 2.06 -13.79
C GLY C 79 22.92 1.32 -14.59
N ILE C 80 22.93 1.47 -15.91
CA ILE C 80 21.99 0.74 -16.77
C ILE C 80 22.52 -0.69 -16.96
N PRO C 81 21.71 -1.71 -16.73
CA PRO C 81 22.19 -3.09 -16.91
C PRO C 81 22.52 -3.37 -18.37
N GLU C 82 23.49 -4.28 -18.56
CA GLU C 82 23.89 -4.69 -19.90
C GLU C 82 22.78 -5.41 -20.66
N ARG C 83 21.70 -5.80 -19.98
CA ARG C 83 20.57 -6.39 -20.66
C ARG C 83 19.81 -5.38 -21.52
N PHE C 84 20.16 -4.10 -21.46
CA PHE C 84 19.65 -3.08 -22.36
C PHE C 84 20.68 -2.85 -23.47
N SER C 85 20.23 -2.99 -24.71
CA SER C 85 21.11 -2.82 -25.87
C SER C 85 20.37 -2.09 -26.97
N GLY C 86 21.14 -1.42 -27.83
CA GLY C 86 20.58 -0.67 -28.92
C GLY C 86 21.35 -0.91 -30.20
N SER C 87 20.66 -0.72 -31.32
CA SER C 87 21.25 -0.90 -32.65
C SER C 87 20.52 -0.02 -33.64
N ASN C 88 21.27 0.56 -34.58
CA ASN C 88 20.73 1.43 -35.61
C ASN C 88 21.48 1.18 -36.90
N SER C 89 20.76 0.71 -37.93
CA SER C 89 21.40 0.31 -39.19
C SER C 89 20.38 0.50 -40.32
N GLY C 90 20.39 1.69 -40.92
CA GLY C 90 19.50 1.96 -42.04
C GLY C 90 18.36 2.90 -41.71
N ASN C 91 17.13 2.40 -41.81
CA ASN C 91 15.93 3.18 -41.53
C ASN C 91 15.21 2.73 -40.26
N THR C 92 15.84 1.90 -39.43
CA THR C 92 15.22 1.40 -38.22
C THR C 92 16.26 1.34 -37.11
N ALA C 93 16.03 2.12 -36.06
CA ALA C 93 16.78 1.97 -34.81
C ALA C 93 16.01 1.04 -33.89
N THR C 94 16.73 0.37 -33.01
CA THR C 94 16.14 -0.71 -32.22
C THR C 94 16.67 -0.69 -30.80
N LEU C 95 15.77 -0.84 -29.83
CA LEU C 95 16.11 -1.01 -28.42
C LEU C 95 15.72 -2.42 -28.00
N THR C 96 16.61 -3.08 -27.27
CA THR C 96 16.43 -4.47 -26.88
C THR C 96 16.55 -4.61 -25.37
N ILE C 97 15.60 -5.32 -24.76
CA ILE C 97 15.60 -5.64 -23.34
C ILE C 97 15.48 -7.16 -23.22
N SER C 98 16.56 -7.81 -22.77
CA SER C 98 16.57 -9.27 -22.72
C SER C 98 15.86 -9.79 -21.48
N GLY C 99 16.48 -9.65 -20.31
CA GLY C 99 15.87 -10.11 -19.07
C GLY C 99 14.70 -9.24 -18.64
N THR C 100 13.56 -9.37 -19.31
CA THR C 100 12.41 -8.51 -19.05
C THR C 100 11.88 -8.76 -17.64
N GLN C 101 11.79 -7.70 -16.85
CA GLN C 101 11.26 -7.74 -15.50
C GLN C 101 10.03 -6.84 -15.42
N ALA C 102 9.35 -6.91 -14.26
CA ALA C 102 8.18 -6.06 -14.06
C ALA C 102 8.54 -4.59 -13.98
N MET C 103 9.77 -4.29 -13.54
CA MET C 103 10.22 -2.91 -13.49
C MET C 103 10.45 -2.31 -14.88
N ASP C 104 10.47 -3.13 -15.93
CA ASP C 104 10.58 -2.65 -17.29
C ASP C 104 9.24 -2.23 -17.88
N GLU C 105 8.14 -2.43 -17.15
CA GLU C 105 6.83 -1.96 -17.58
C GLU C 105 6.80 -0.44 -17.58
N ALA C 106 7.18 0.18 -18.70
CA ALA C 106 7.26 1.63 -18.78
C ALA C 106 7.05 2.06 -20.23
N ASP C 107 7.14 3.36 -20.45
CA ASP C 107 7.05 3.94 -21.79
C ASP C 107 8.45 4.31 -22.26
N TYR C 108 8.81 3.84 -23.46
CA TYR C 108 10.13 4.06 -24.03
C TYR C 108 10.04 4.97 -25.24
N TYR C 109 10.96 5.92 -25.34
CA TYR C 109 10.95 6.94 -26.38
C TYR C 109 12.29 6.96 -27.10
N CYS C 110 12.25 6.99 -28.43
CA CYS C 110 13.44 7.24 -29.22
C CYS C 110 13.54 8.73 -29.53
N GLN C 111 14.76 9.22 -29.67
CA GLN C 111 15.00 10.65 -29.83
C GLN C 111 16.20 10.87 -30.74
N VAL C 112 16.10 11.88 -31.60
CA VAL C 112 17.17 12.25 -32.52
C VAL C 112 17.32 13.78 -32.51
N TRP C 113 18.43 14.24 -33.08
CA TRP C 113 18.71 15.65 -33.28
C TRP C 113 18.72 15.92 -34.78
N ASP C 114 17.84 16.82 -35.23
CA ASP C 114 17.64 17.04 -36.66
C ASP C 114 17.44 18.53 -36.92
N ASN C 115 18.33 19.11 -37.73
CA ASN C 115 18.21 20.49 -38.20
C ASN C 115 18.06 21.46 -37.03
N TYR C 116 18.96 21.33 -36.05
CA TYR C 116 18.99 22.19 -34.87
C TYR C 116 17.68 22.11 -34.09
N SER C 117 17.16 20.91 -33.95
CA SER C 117 15.98 20.64 -33.14
C SER C 117 16.08 19.23 -32.58
N VAL C 118 15.22 18.93 -31.62
CA VAL C 118 15.17 17.62 -30.98
C VAL C 118 13.74 17.11 -31.08
N LEU C 119 13.58 15.85 -31.47
CA LEU C 119 12.27 15.26 -31.67
C LEU C 119 12.21 13.87 -31.04
N PHE C 120 11.09 13.57 -30.40
CA PHE C 120 10.86 12.28 -29.77
C PHE C 120 9.87 11.47 -30.59
N GLY C 121 10.03 10.15 -30.53
CA GLY C 121 9.05 9.26 -31.14
C GLY C 121 7.74 9.26 -30.37
N GLY C 122 6.76 8.55 -30.94
CA GLY C 122 5.45 8.46 -30.32
C GLY C 122 5.45 7.74 -28.98
N GLY C 123 6.49 6.97 -28.69
CA GLY C 123 6.56 6.24 -27.44
C GLY C 123 5.92 4.87 -27.53
N THR C 124 6.56 3.87 -26.92
CA THR C 124 6.08 2.50 -26.93
C THR C 124 5.84 2.05 -25.50
N LYS C 125 4.66 1.50 -25.25
CA LYS C 125 4.29 1.01 -23.92
C LYS C 125 4.58 -0.48 -23.82
N LEU C 126 5.44 -0.85 -22.88
CA LEU C 126 5.79 -2.26 -22.66
C LEU C 126 4.82 -2.84 -21.63
N THR C 127 4.16 -3.94 -22.00
CA THR C 127 3.32 -4.70 -21.10
C THR C 127 3.86 -6.12 -21.00
N VAL C 128 3.40 -6.84 -19.98
CA VAL C 128 3.87 -8.19 -19.69
C VAL C 128 2.78 -9.19 -20.04
N LEU C 129 3.18 -10.32 -20.61
CA LEU C 129 2.24 -11.35 -21.03
C LEU C 129 1.96 -12.32 -19.89
N ARG C 130 0.67 -12.57 -19.64
CA ARG C 130 0.23 -13.58 -18.71
C ARG C 130 -1.03 -14.23 -19.27
N THR C 131 -1.47 -15.30 -18.62
CA THR C 131 -2.66 -15.99 -19.11
C THR C 131 -3.92 -15.25 -18.65
N VAL C 132 -5.05 -15.58 -19.29
CA VAL C 132 -6.27 -14.81 -19.12
C VAL C 132 -6.82 -14.98 -17.71
N ALA C 133 -7.24 -13.86 -17.12
CA ALA C 133 -7.89 -13.84 -15.81
C ALA C 133 -9.20 -13.08 -15.92
N ALA C 134 -10.27 -13.70 -15.44
CA ALA C 134 -11.58 -13.05 -15.47
C ALA C 134 -11.71 -12.07 -14.29
N PRO C 135 -12.46 -10.99 -14.48
CA PRO C 135 -12.62 -10.02 -13.40
C PRO C 135 -13.72 -10.41 -12.41
N SER C 136 -13.57 -9.92 -11.19
CA SER C 136 -14.61 -9.98 -10.18
C SER C 136 -15.28 -8.62 -10.11
N VAL C 137 -16.61 -8.61 -10.28
CA VAL C 137 -17.36 -7.38 -10.48
C VAL C 137 -18.08 -7.00 -9.19
N PHE C 138 -17.98 -5.74 -8.81
CA PHE C 138 -18.67 -5.19 -7.66
C PHE C 138 -19.38 -3.90 -8.06
N ILE C 139 -20.58 -3.71 -7.52
CA ILE C 139 -21.38 -2.51 -7.80
C ILE C 139 -21.65 -1.79 -6.49
N PHE C 140 -21.57 -0.46 -6.52
CA PHE C 140 -21.76 0.36 -5.35
C PHE C 140 -22.87 1.38 -5.59
N PRO C 141 -23.80 1.55 -4.66
CA PRO C 141 -24.83 2.58 -4.81
C PRO C 141 -24.30 3.94 -4.39
N PRO C 142 -24.97 5.03 -4.77
CA PRO C 142 -24.53 6.35 -4.30
C PRO C 142 -24.84 6.54 -2.83
N SER C 143 -23.95 7.28 -2.17
CA SER C 143 -24.10 7.52 -0.74
C SER C 143 -25.23 8.52 -0.47
N ASP C 144 -25.92 8.32 0.65
CA ASP C 144 -26.95 9.28 1.06
C ASP C 144 -26.36 10.64 1.34
N GLU C 145 -25.08 10.68 1.75
CA GLU C 145 -24.42 11.96 1.96
C GLU C 145 -24.25 12.72 0.64
N GLN C 146 -23.93 12.00 -0.45
CA GLN C 146 -23.83 12.66 -1.75
C GLN C 146 -25.20 12.99 -2.30
N LEU C 147 -26.22 12.17 -2.01
CA LEU C 147 -27.58 12.50 -2.43
C LEU C 147 -28.08 13.78 -1.76
N LYS C 148 -27.57 14.07 -0.56
CA LYS C 148 -27.90 15.33 0.10
C LYS C 148 -27.37 16.53 -0.68
N SER C 149 -26.32 16.32 -1.48
CA SER C 149 -25.80 17.39 -2.31
C SER C 149 -26.73 17.66 -3.50
N GLY C 150 -26.95 16.65 -4.33
CA GLY C 150 -27.84 16.78 -5.47
C GLY C 150 -27.45 15.92 -6.64
N THR C 151 -26.27 15.31 -6.58
CA THR C 151 -25.76 14.45 -7.63
C THR C 151 -25.62 13.03 -7.12
N ALA C 152 -25.93 12.06 -7.97
CA ALA C 152 -25.84 10.64 -7.64
C ALA C 152 -24.74 10.00 -8.47
N SER C 153 -23.85 9.28 -7.81
CA SER C 153 -22.72 8.61 -8.45
C SER C 153 -22.80 7.12 -8.18
N VAL C 154 -22.86 6.33 -9.25
CA VAL C 154 -22.89 4.87 -9.17
C VAL C 154 -21.59 4.34 -9.76
N VAL C 155 -20.92 3.46 -9.01
CA VAL C 155 -19.60 2.96 -9.37
C VAL C 155 -19.68 1.45 -9.50
N CYS C 156 -19.00 0.91 -10.52
CA CYS C 156 -18.91 -0.52 -10.77
C CYS C 156 -17.45 -0.89 -10.95
N LEU C 157 -17.00 -1.90 -10.19
CA LEU C 157 -15.58 -2.25 -10.12
C LEU C 157 -15.29 -3.55 -10.84
N LEU C 158 -14.25 -3.54 -11.67
CA LEU C 158 -13.70 -4.74 -12.29
C LEU C 158 -12.29 -4.92 -11.75
N ASN C 159 -12.05 -6.04 -11.07
CA ASN C 159 -10.83 -6.22 -10.28
C ASN C 159 -10.01 -7.38 -10.79
N ASN C 160 -8.71 -7.15 -10.99
CA ASN C 160 -7.70 -8.18 -11.24
C ASN C 160 -8.10 -9.09 -12.40
N PHE C 161 -8.00 -8.54 -13.60
CA PHE C 161 -8.32 -9.27 -14.82
C PHE C 161 -7.23 -9.06 -15.86
N TYR C 162 -7.23 -9.93 -16.86
CA TYR C 162 -6.32 -9.87 -17.98
C TYR C 162 -6.97 -10.63 -19.13
N PRO C 163 -6.91 -10.11 -20.37
CA PRO C 163 -6.20 -8.89 -20.78
C PRO C 163 -6.93 -7.58 -20.44
N ARG C 164 -6.43 -6.49 -21.01
CA ARG C 164 -6.93 -5.16 -20.67
C ARG C 164 -8.30 -4.87 -21.29
N GLU C 165 -8.57 -5.44 -22.47
CA GLU C 165 -9.81 -5.13 -23.18
C GLU C 165 -11.00 -5.72 -22.44
N ALA C 166 -11.99 -4.87 -22.14
CA ALA C 166 -13.22 -5.30 -21.48
C ALA C 166 -14.29 -4.25 -21.74
N LYS C 167 -15.55 -4.68 -21.63
CA LYS C 167 -16.70 -3.84 -21.91
C LYS C 167 -17.55 -3.69 -20.66
N VAL C 168 -17.91 -2.45 -20.33
CA VAL C 168 -18.78 -2.13 -19.22
C VAL C 168 -20.08 -1.57 -19.78
N GLN C 169 -21.21 -2.08 -19.28
CA GLN C 169 -22.52 -1.67 -19.76
C GLN C 169 -23.41 -1.35 -18.57
N TRP C 170 -23.93 -0.12 -18.54
CA TRP C 170 -24.85 0.31 -17.50
C TRP C 170 -26.29 0.16 -18.00
N LYS C 171 -27.16 -0.32 -17.11
CA LYS C 171 -28.57 -0.53 -17.45
C LYS C 171 -29.42 -0.18 -16.24
N VAL C 172 -30.23 0.86 -16.37
CA VAL C 172 -31.15 1.28 -15.31
C VAL C 172 -32.54 0.79 -15.70
N ASP C 173 -33.07 -0.16 -14.92
CA ASP C 173 -34.31 -0.86 -15.26
C ASP C 173 -34.18 -1.54 -16.62
N ASN C 174 -32.99 -2.08 -16.89
CA ASN C 174 -32.64 -2.67 -18.19
C ASN C 174 -32.87 -1.69 -19.34
N ALA C 175 -32.63 -0.41 -19.08
CA ALA C 175 -32.63 0.62 -20.12
C ALA C 175 -31.19 1.04 -20.37
N LEU C 176 -30.76 0.95 -21.62
CA LEU C 176 -29.38 1.25 -21.99
C LEU C 176 -28.96 2.62 -21.47
N GLN C 177 -27.72 2.71 -20.99
CA GLN C 177 -27.09 3.96 -20.61
C GLN C 177 -25.96 4.28 -21.56
N SER C 178 -25.77 5.57 -21.81
CA SER C 178 -24.77 6.05 -22.75
C SER C 178 -24.51 7.52 -22.48
N GLY C 179 -23.29 7.96 -22.80
CA GLY C 179 -22.92 9.36 -22.65
C GLY C 179 -22.61 9.80 -21.24
N ASN C 180 -23.12 9.11 -20.23
CA ASN C 180 -22.87 9.46 -18.83
C ASN C 180 -21.94 8.47 -18.16
N SER C 181 -21.10 7.80 -18.93
CA SER C 181 -20.18 6.79 -18.42
C SER C 181 -18.74 7.26 -18.57
N GLN C 182 -17.94 7.06 -17.52
CA GLN C 182 -16.53 7.42 -17.52
C GLN C 182 -15.75 6.31 -16.83
N GLU C 183 -14.84 5.68 -17.55
CA GLU C 183 -14.01 4.60 -17.03
C GLU C 183 -12.62 5.11 -16.67
N SER C 184 -11.88 4.26 -15.97
CA SER C 184 -10.49 4.56 -15.60
C SER C 184 -9.81 3.25 -15.22
N VAL C 185 -8.66 2.98 -15.83
CA VAL C 185 -7.95 1.71 -15.67
C VAL C 185 -6.59 1.98 -15.04
N THR C 186 -6.22 1.18 -14.06
CA THR C 186 -4.90 1.26 -13.46
C THR C 186 -3.85 0.63 -14.38
N GLU C 187 -2.59 0.94 -14.10
CA GLU C 187 -1.51 0.19 -14.72
C GLU C 187 -1.53 -1.26 -14.22
N GLN C 188 -0.98 -2.16 -15.03
CA GLN C 188 -0.97 -3.56 -14.64
C GLN C 188 -0.10 -3.75 -13.41
N ASP C 189 -0.62 -4.49 -12.43
CA ASP C 189 0.06 -4.67 -11.16
C ASP C 189 1.42 -5.34 -11.37
N SER C 190 2.42 -4.83 -10.67
CA SER C 190 3.78 -5.32 -10.86
C SER C 190 4.01 -6.74 -10.35
N LYS C 191 3.01 -7.35 -9.71
CA LYS C 191 3.18 -8.68 -9.13
C LYS C 191 2.30 -9.75 -9.74
N ASP C 192 1.08 -9.42 -10.16
CA ASP C 192 0.24 -10.37 -10.88
C ASP C 192 -0.09 -9.93 -12.29
N SER C 193 0.36 -8.74 -12.71
CA SER C 193 0.22 -8.23 -14.08
C SER C 193 -1.24 -8.11 -14.51
N THR C 194 -2.16 -8.05 -13.57
CA THR C 194 -3.57 -7.89 -13.88
C THR C 194 -3.96 -6.41 -13.88
N TYR C 195 -5.07 -6.12 -14.55
CA TYR C 195 -5.62 -4.78 -14.61
C TYR C 195 -6.87 -4.70 -13.74
N SER C 196 -7.32 -3.47 -13.49
CA SER C 196 -8.56 -3.23 -12.78
C SER C 196 -9.20 -1.96 -13.32
N LEU C 197 -10.53 -1.95 -13.37
CA LEU C 197 -11.29 -0.88 -14.01
C LEU C 197 -12.36 -0.38 -13.06
N SER C 198 -12.63 0.93 -13.13
CA SER C 198 -13.68 1.56 -12.33
C SER C 198 -14.49 2.48 -13.24
N SER C 199 -15.75 2.13 -13.47
CA SER C 199 -16.67 2.95 -14.24
C SER C 199 -17.59 3.70 -13.30
N THR C 200 -17.91 4.95 -13.66
CA THR C 200 -18.74 5.82 -12.82
C THR C 200 -19.90 6.32 -13.65
N LEU C 201 -21.12 5.91 -13.29
CA LEU C 201 -22.34 6.40 -13.91
C LEU C 201 -22.89 7.53 -13.05
N THR C 202 -22.93 8.73 -13.62
CA THR C 202 -23.38 9.92 -12.91
C THR C 202 -24.82 10.25 -13.30
N LEU C 203 -25.66 10.47 -12.30
CA LEU C 203 -27.06 10.78 -12.51
C LEU C 203 -27.44 11.99 -11.67
N SER C 204 -28.55 12.63 -12.04
CA SER C 204 -29.15 13.59 -11.13
C SER C 204 -29.68 12.86 -9.90
N LYS C 205 -30.07 13.64 -8.89
CA LYS C 205 -30.80 13.04 -7.79
C LYS C 205 -32.24 12.72 -8.20
N ALA C 206 -32.78 13.48 -9.17
CA ALA C 206 -34.13 13.22 -9.66
C ALA C 206 -34.18 11.97 -10.53
N ASP C 207 -33.28 11.89 -11.52
CA ASP C 207 -33.21 10.68 -12.33
C ASP C 207 -32.96 9.45 -11.48
N TYR C 208 -32.25 9.61 -10.37
CA TYR C 208 -31.89 8.46 -9.54
C TYR C 208 -33.10 7.89 -8.82
N GLU C 209 -33.93 8.74 -8.24
CA GLU C 209 -35.13 8.27 -7.57
C GLU C 209 -36.26 7.91 -8.53
N LYS C 210 -36.10 8.19 -9.82
CA LYS C 210 -37.12 7.85 -10.80
C LYS C 210 -37.21 6.33 -11.00
N HIS C 211 -36.07 5.66 -11.06
CA HIS C 211 -36.00 4.26 -11.42
C HIS C 211 -35.65 3.41 -10.20
N LYS C 212 -35.49 2.10 -10.42
CA LYS C 212 -35.36 1.17 -9.31
C LYS C 212 -34.12 0.29 -9.42
N VAL C 213 -34.00 -0.46 -10.52
CA VAL C 213 -32.95 -1.47 -10.67
C VAL C 213 -31.77 -0.87 -11.42
N TYR C 214 -30.61 -0.86 -10.76
CA TYR C 214 -29.37 -0.34 -11.33
C TYR C 214 -28.40 -1.50 -11.48
N ALA C 215 -28.07 -1.84 -12.72
CA ALA C 215 -27.22 -2.99 -13.01
C ALA C 215 -25.93 -2.54 -13.69
N CYS C 216 -24.99 -3.48 -13.78
CA CYS C 216 -23.68 -3.24 -14.39
C CYS C 216 -23.27 -4.52 -15.11
N GLU C 217 -23.43 -4.54 -16.43
CA GLU C 217 -23.10 -5.71 -17.22
C GLU C 217 -21.67 -5.62 -17.74
N VAL C 218 -20.95 -6.74 -17.69
CA VAL C 218 -19.54 -6.79 -18.05
C VAL C 218 -19.30 -7.97 -18.98
N THR C 219 -18.53 -7.74 -20.05
CA THR C 219 -18.12 -8.79 -20.97
C THR C 219 -16.60 -8.75 -21.10
N HIS C 220 -15.96 -9.88 -20.82
CA HIS C 220 -14.51 -9.98 -20.87
C HIS C 220 -14.13 -11.28 -21.56
N GLN C 221 -12.86 -11.36 -21.98
CA GLN C 221 -12.39 -12.55 -22.69
C GLN C 221 -12.45 -13.80 -21.82
N GLY C 222 -12.29 -13.66 -20.51
CA GLY C 222 -12.26 -14.82 -19.64
C GLY C 222 -13.61 -15.15 -19.01
N LEU C 223 -14.69 -14.69 -19.63
CA LEU C 223 -16.03 -14.91 -19.11
C LEU C 223 -16.82 -15.76 -20.09
N SER C 224 -17.39 -16.86 -19.59
CA SER C 224 -18.25 -17.70 -20.42
C SER C 224 -19.50 -16.96 -20.86
N SER C 225 -20.03 -16.08 -20.01
CA SER C 225 -21.26 -15.36 -20.26
C SER C 225 -21.17 -14.00 -19.59
N PRO C 226 -22.01 -13.05 -19.97
CA PRO C 226 -21.98 -11.73 -19.31
C PRO C 226 -22.29 -11.85 -17.82
N VAL C 227 -21.46 -11.20 -17.01
CA VAL C 227 -21.65 -11.12 -15.57
C VAL C 227 -22.33 -9.80 -15.25
N THR C 228 -23.38 -9.86 -14.43
CA THR C 228 -24.17 -8.67 -14.10
C THR C 228 -24.27 -8.56 -12.58
N LYS C 229 -23.81 -7.43 -12.05
CA LYS C 229 -23.97 -7.10 -10.63
C LYS C 229 -24.91 -5.91 -10.53
N SER C 230 -26.03 -6.08 -9.84
CA SER C 230 -27.07 -5.08 -9.77
C SER C 230 -27.46 -4.84 -8.32
N PHE C 231 -28.30 -3.81 -8.13
CA PHE C 231 -28.88 -3.52 -6.83
C PHE C 231 -30.20 -2.78 -7.04
N ASN C 232 -31.10 -2.93 -6.08
CA ASN C 232 -32.33 -2.16 -6.04
C ASN C 232 -32.12 -0.91 -5.20
N ARG C 233 -32.64 0.21 -5.67
CA ARG C 233 -32.58 1.45 -4.89
C ARG C 233 -33.45 1.30 -3.66
N GLY C 234 -32.82 1.18 -2.50
CA GLY C 234 -33.54 0.96 -1.26
C GLY C 234 -33.90 -0.49 -1.04
CA GLU D 24 25.77 14.30 -7.82
C GLU D 24 25.02 15.41 -8.56
N VAL D 25 24.79 15.19 -9.86
CA VAL D 25 24.05 16.16 -10.65
C VAL D 25 22.57 16.10 -10.26
N GLN D 26 22.00 17.27 -9.97
CA GLN D 26 20.61 17.36 -9.57
C GLN D 26 19.97 18.60 -10.17
N LEU D 27 18.77 18.44 -10.72
CA LEU D 27 17.99 19.53 -11.29
C LEU D 27 16.67 19.62 -10.54
N VAL D 28 16.50 20.68 -9.76
CA VAL D 28 15.31 20.88 -8.94
C VAL D 28 14.50 22.01 -9.56
N GLN D 29 13.24 21.71 -9.89
CA GLN D 29 12.34 22.66 -10.52
C GLN D 29 11.41 23.29 -9.50
N SER D 30 10.75 24.37 -9.92
CA SER D 30 9.82 25.07 -9.06
C SER D 30 8.55 24.24 -8.87
N GLY D 31 7.67 24.74 -7.99
CA GLY D 31 6.46 24.03 -7.65
C GLY D 31 5.41 24.08 -8.74
N ALA D 32 4.41 23.21 -8.60
CA ALA D 32 3.31 23.16 -9.54
C ALA D 32 2.53 24.47 -9.52
N GLU D 33 1.87 24.75 -10.65
CA GLU D 33 1.17 26.02 -10.84
C GLU D 33 -0.23 25.78 -11.37
N VAL D 34 -1.10 26.76 -11.14
CA VAL D 34 -2.46 26.78 -11.66
C VAL D 34 -2.61 28.03 -12.51
N LYS D 35 -3.10 27.87 -13.73
CA LYS D 35 -3.25 28.97 -14.67
C LYS D 35 -4.63 28.93 -15.30
N LYS D 36 -5.07 30.10 -15.77
CA LYS D 36 -6.31 30.24 -16.51
C LYS D 36 -6.00 30.61 -17.96
N PRO D 37 -6.84 30.21 -18.91
CA PRO D 37 -6.55 30.48 -20.32
C PRO D 37 -6.30 31.95 -20.60
N GLY D 38 -5.14 32.23 -21.20
CA GLY D 38 -4.71 33.57 -21.51
C GLY D 38 -3.52 34.05 -20.71
N GLU D 39 -3.27 33.47 -19.55
CA GLU D 39 -2.19 33.92 -18.67
C GLU D 39 -0.84 33.41 -19.21
N SER D 40 0.21 33.64 -18.42
CA SER D 40 1.54 33.14 -18.73
C SER D 40 2.02 32.25 -17.59
N LEU D 41 2.89 31.29 -17.91
CA LEU D 41 3.50 30.43 -16.92
C LEU D 41 5.01 30.68 -16.90
N LYS D 42 5.62 30.44 -15.74
CA LYS D 42 7.06 30.62 -15.58
C LYS D 42 7.57 29.60 -14.57
N VAL D 43 8.50 28.75 -15.01
CA VAL D 43 9.05 27.68 -14.19
C VAL D 43 10.57 27.72 -14.32
N SER D 44 11.25 27.50 -13.20
CA SER D 44 12.70 27.55 -13.14
C SER D 44 13.28 26.16 -12.92
N CYS D 45 14.61 26.07 -12.95
CA CYS D 45 15.30 24.80 -12.77
C CYS D 45 16.73 25.09 -12.31
N LYS D 46 16.96 24.94 -11.00
CA LYS D 46 18.26 25.24 -10.40
C LYS D 46 19.15 24.00 -10.49
N ALA D 47 20.28 24.14 -11.18
CA ALA D 47 21.19 23.02 -11.40
C ALA D 47 22.24 22.96 -10.29
N SER D 48 22.65 21.73 -9.97
CA SER D 48 23.65 21.51 -8.93
C SER D 48 24.43 20.25 -9.27
N GLY D 49 25.73 20.29 -9.01
CA GLY D 49 26.59 19.12 -9.17
C GLY D 49 27.50 19.12 -10.37
N TYR D 50 27.59 20.22 -11.12
CA TYR D 50 28.42 20.28 -12.30
C TYR D 50 28.68 21.73 -12.67
N THR D 51 29.60 21.92 -13.61
CA THR D 51 29.90 23.24 -14.14
C THR D 51 28.71 23.72 -14.96
N PHE D 52 28.00 24.74 -14.44
CA PHE D 52 26.73 25.15 -15.03
C PHE D 52 26.88 25.61 -16.46
N THR D 53 27.88 26.46 -16.73
CA THR D 53 28.03 27.06 -18.05
C THR D 53 28.59 26.08 -19.08
N SER D 54 28.82 24.81 -18.73
CA SER D 54 29.41 23.87 -19.65
C SER D 54 28.39 23.02 -20.40
N TYR D 55 27.14 22.96 -19.92
CA TYR D 55 26.15 22.05 -20.47
C TYR D 55 24.88 22.79 -20.84
N TYR D 56 24.32 22.45 -22.01
CA TYR D 56 23.03 22.98 -22.42
C TYR D 56 21.94 22.50 -21.46
N MET D 57 20.75 23.08 -21.61
CA MET D 57 19.61 22.72 -20.77
C MET D 57 18.37 22.64 -21.64
N HIS D 58 17.80 21.44 -21.74
CA HIS D 58 16.57 21.25 -22.51
C HIS D 58 15.36 21.67 -21.69
N TRP D 59 14.22 21.76 -22.38
CA TRP D 59 12.92 21.90 -21.75
C TRP D 59 11.93 21.04 -22.52
N VAL D 60 11.41 20.01 -21.87
CA VAL D 60 10.50 19.05 -22.51
C VAL D 60 9.24 18.97 -21.68
N ARG D 61 8.08 19.01 -22.34
CA ARG D 61 6.80 18.92 -21.66
C ARG D 61 6.07 17.66 -22.09
N GLN D 62 5.06 17.28 -21.30
CA GLN D 62 4.30 16.07 -21.57
C GLN D 62 2.90 16.22 -20.99
N ALA D 63 1.90 16.23 -21.86
CA ALA D 63 0.52 16.25 -21.41
C ALA D 63 0.17 14.91 -20.74
N PRO D 64 -0.82 14.90 -19.85
CA PRO D 64 -1.20 13.65 -19.18
C PRO D 64 -1.64 12.60 -20.19
N GLY D 65 -0.98 11.44 -20.14
CA GLY D 65 -1.28 10.36 -21.05
C GLY D 65 -0.58 10.42 -22.39
N GLN D 66 0.03 11.57 -22.73
CA GLN D 66 0.70 11.74 -24.00
C GLN D 66 2.20 11.51 -23.83
N GLY D 67 2.97 11.77 -24.89
CA GLY D 67 4.39 11.54 -24.90
C GLY D 67 5.19 12.82 -24.73
N LEU D 68 6.51 12.65 -24.69
CA LEU D 68 7.42 13.76 -24.51
C LEU D 68 7.42 14.65 -25.75
N GLU D 69 7.42 15.97 -25.53
CA GLU D 69 7.47 16.95 -26.61
C GLU D 69 8.55 17.97 -26.30
N TRP D 70 9.54 18.06 -27.17
CA TRP D 70 10.64 18.98 -26.98
C TRP D 70 10.17 20.42 -27.20
N MET D 71 10.56 21.31 -26.30
CA MET D 71 10.23 22.73 -26.40
C MET D 71 11.42 23.59 -26.82
N GLY D 72 12.59 23.37 -26.23
CA GLY D 72 13.76 24.15 -26.59
C GLY D 72 14.92 23.85 -25.69
N ALA D 73 16.09 24.32 -26.12
CA ALA D 73 17.33 24.19 -25.36
C ALA D 73 18.07 25.51 -25.38
N ILE D 74 18.72 25.84 -24.28
CA ILE D 74 19.42 27.12 -24.11
C ILE D 74 20.88 26.85 -23.75
N GLU D 75 21.77 27.62 -24.35
CA GLU D 75 23.19 27.59 -23.98
C GLU D 75 23.42 28.54 -22.81
N PRO D 76 23.90 28.05 -21.66
CA PRO D 76 23.95 28.91 -20.47
C PRO D 76 25.13 29.85 -20.42
N MET D 77 26.18 29.64 -21.21
CA MET D 77 27.36 30.50 -21.13
C MET D 77 27.05 31.89 -21.66
N TYR D 78 26.66 31.99 -22.93
CA TYR D 78 26.38 33.28 -23.56
C TYR D 78 24.90 33.47 -23.91
N GLY D 79 24.03 32.55 -23.47
CA GLY D 79 22.60 32.77 -23.58
C GLY D 79 21.98 32.48 -24.92
N SER D 80 22.60 31.61 -25.72
CA SER D 80 22.04 31.25 -27.02
C SER D 80 20.88 30.27 -26.83
N THR D 81 19.77 30.53 -27.52
CA THR D 81 18.56 29.75 -27.37
C THR D 81 18.16 29.11 -28.70
N SER D 82 17.31 28.11 -28.61
CA SER D 82 16.79 27.41 -29.80
C SER D 82 15.44 26.81 -29.43
N TYR D 83 14.39 27.24 -30.10
CA TYR D 83 13.03 26.83 -29.78
C TYR D 83 12.46 25.93 -30.88
N ALA D 84 11.58 25.02 -30.48
CA ALA D 84 10.81 24.26 -31.45
C ALA D 84 9.83 25.19 -32.17
N GLN D 85 9.60 24.92 -33.45
CA GLN D 85 8.81 25.83 -34.28
C GLN D 85 7.39 25.99 -33.74
N LYS D 86 6.84 24.95 -33.11
CA LYS D 86 5.49 25.06 -32.56
C LYS D 86 5.42 26.07 -31.44
N PHE D 87 6.52 26.29 -30.72
CA PHE D 87 6.52 27.17 -29.56
C PHE D 87 7.20 28.51 -29.84
N GLN D 88 7.79 28.70 -31.01
CA GLN D 88 8.45 29.98 -31.32
C GLN D 88 7.43 31.11 -31.32
N GLY D 89 7.79 32.20 -30.65
CA GLY D 89 6.89 33.32 -30.45
C GLY D 89 6.02 33.22 -29.21
N ARG D 90 6.13 32.13 -28.45
CA ARG D 90 5.33 31.93 -27.25
C ARG D 90 6.21 31.51 -26.09
N VAL D 91 7.31 30.83 -26.37
CA VAL D 91 8.21 30.32 -25.35
C VAL D 91 9.37 31.30 -25.19
N THR D 92 9.88 31.39 -23.95
CA THR D 92 11.01 32.26 -23.63
C THR D 92 11.85 31.58 -22.57
N MET D 93 13.11 31.30 -22.90
CA MET D 93 14.02 30.62 -21.98
C MET D 93 15.19 31.54 -21.64
N THR D 94 15.48 31.64 -20.35
CA THR D 94 16.58 32.45 -19.84
C THR D 94 17.36 31.64 -18.82
N ARG D 95 18.47 32.23 -18.36
CA ARG D 95 19.31 31.57 -17.36
C ARG D 95 19.98 32.61 -16.49
N ASP D 96 20.37 32.19 -15.30
CA ASP D 96 21.12 33.02 -14.35
C ASP D 96 22.33 32.20 -13.91
N THR D 97 23.49 32.49 -14.51
CA THR D 97 24.70 31.75 -14.18
C THR D 97 25.15 31.99 -12.74
N SER D 98 24.72 33.10 -12.13
CA SER D 98 25.12 33.36 -10.75
C SER D 98 24.42 32.43 -9.76
N THR D 99 23.22 31.96 -10.10
CA THR D 99 22.46 31.08 -9.22
C THR D 99 22.26 29.68 -9.80
N SER D 100 22.91 29.38 -10.93
CA SER D 100 22.80 28.07 -11.58
C SER D 100 21.35 27.73 -11.88
N THR D 101 20.58 28.72 -12.33
CA THR D 101 19.15 28.58 -12.55
C THR D 101 18.81 28.86 -14.01
N VAL D 102 17.94 28.02 -14.58
CA VAL D 102 17.43 28.20 -15.93
C VAL D 102 15.92 28.43 -15.83
N TYR D 103 15.42 29.43 -16.56
CA TYR D 103 14.02 29.78 -16.54
C TYR D 103 13.37 29.47 -17.87
N MET D 104 12.04 29.34 -17.84
CA MET D 104 11.24 29.11 -19.05
C MET D 104 9.89 29.79 -18.87
N GLU D 105 9.43 30.44 -19.92
CA GLU D 105 8.15 31.13 -19.92
C GLU D 105 7.34 30.73 -21.15
N LEU D 106 6.02 30.72 -21.00
CA LEU D 106 5.10 30.38 -22.08
C LEU D 106 3.90 31.30 -21.99
N SER D 107 3.63 32.05 -23.05
CA SER D 107 2.64 33.12 -23.05
C SER D 107 1.29 32.63 -23.58
N SER D 108 0.26 33.43 -23.31
CA SER D 108 -1.12 33.21 -23.73
C SER D 108 -1.51 31.73 -23.65
N LEU D 109 -1.66 31.22 -22.44
CA LEU D 109 -1.90 29.79 -22.26
C LEU D 109 -3.33 29.43 -22.65
N ARG D 110 -3.48 28.21 -23.16
CA ARG D 110 -4.77 27.59 -23.41
C ARG D 110 -4.84 26.29 -22.63
N SER D 111 -6.05 25.71 -22.59
CA SER D 111 -6.23 24.46 -21.85
C SER D 111 -5.35 23.35 -22.38
N GLU D 112 -4.96 23.43 -23.67
CA GLU D 112 -4.05 22.47 -24.26
C GLU D 112 -2.61 22.61 -23.77
N ASP D 113 -2.31 23.63 -22.96
CA ASP D 113 -0.99 23.82 -22.39
C ASP D 113 -0.83 23.11 -21.05
N THR D 114 -1.85 22.41 -20.58
CA THR D 114 -1.74 21.63 -19.34
C THR D 114 -0.83 20.44 -19.56
N ALA D 115 0.29 20.39 -18.84
CA ALA D 115 1.27 19.35 -19.02
C ALA D 115 2.27 19.40 -17.87
N VAL D 116 3.12 18.38 -17.81
CA VAL D 116 4.28 18.37 -16.92
C VAL D 116 5.47 18.88 -17.70
N TYR D 117 6.16 19.88 -17.15
CA TYR D 117 7.26 20.56 -17.83
C TYR D 117 8.57 20.17 -17.15
N TYR D 118 9.47 19.55 -17.92
CA TYR D 118 10.74 19.06 -17.40
C TYR D 118 11.88 19.94 -17.85
N CYS D 119 12.94 20.02 -17.03
CA CYS D 119 14.23 20.51 -17.47
C CYS D 119 15.21 19.36 -17.51
N ALA D 120 16.09 19.37 -18.50
CA ALA D 120 17.01 18.25 -18.74
C ALA D 120 18.33 18.80 -19.22
N ARG D 121 19.42 18.34 -18.60
CA ARG D 121 20.75 18.80 -18.96
C ARG D 121 21.21 18.11 -20.24
N GLY D 122 21.64 18.90 -21.21
CA GLY D 122 22.24 18.35 -22.41
C GLY D 122 23.61 17.75 -22.10
N SER D 123 23.85 16.57 -22.65
CA SER D 123 25.08 15.84 -22.38
C SER D 123 26.16 16.23 -23.38
N ALA D 124 27.42 16.15 -22.92
CA ALA D 124 28.60 16.37 -23.77
C ALA D 124 28.62 17.79 -24.34
N TYR D 125 28.26 18.77 -23.51
CA TYR D 125 28.37 20.20 -23.80
C TYR D 125 27.52 20.65 -24.99
N TYR D 126 26.58 19.83 -25.45
CA TYR D 126 25.61 20.22 -26.47
C TYR D 126 24.27 19.62 -26.10
N TYR D 127 23.27 19.87 -26.95
CA TYR D 127 21.91 19.38 -26.71
C TYR D 127 21.51 18.33 -27.74
N ASP D 128 22.45 17.46 -28.10
CA ASP D 128 22.10 16.30 -28.92
C ASP D 128 21.13 15.38 -28.20
N PHE D 129 21.36 15.14 -26.91
CA PHE D 129 20.47 14.35 -26.08
C PHE D 129 20.60 14.83 -24.64
N ALA D 130 19.77 14.27 -23.77
CA ALA D 130 19.72 14.65 -22.36
C ALA D 130 20.17 13.49 -21.49
N ASP D 131 21.03 13.78 -20.51
CA ASP D 131 21.55 12.77 -19.60
C ASP D 131 20.87 12.79 -18.23
N TYR D 132 20.53 13.98 -17.73
CA TYR D 132 19.85 14.12 -16.44
C TYR D 132 18.55 14.88 -16.64
N TRP D 133 17.57 14.58 -15.80
CA TRP D 133 16.24 15.16 -15.89
C TRP D 133 15.81 15.72 -14.54
N GLY D 134 15.02 16.78 -14.58
CA GLY D 134 14.34 17.25 -13.40
C GLY D 134 13.15 16.38 -13.05
N GLN D 135 12.52 16.70 -11.92
CA GLN D 135 11.37 15.92 -11.46
C GLN D 135 10.07 16.37 -12.10
N GLY D 136 10.06 17.47 -12.83
CA GLY D 136 8.87 17.93 -13.51
C GLY D 136 8.08 18.95 -12.71
N THR D 137 7.26 19.71 -13.42
CA THR D 137 6.40 20.74 -12.82
C THR D 137 5.06 20.70 -13.53
N LEU D 138 4.02 20.28 -12.82
CA LEU D 138 2.67 20.22 -13.39
C LEU D 138 2.08 21.62 -13.45
N VAL D 139 1.69 22.05 -14.65
CA VAL D 139 1.03 23.32 -14.87
C VAL D 139 -0.33 23.03 -15.48
N THR D 140 -1.40 23.36 -14.75
CA THR D 140 -2.76 23.10 -15.19
C THR D 140 -3.41 24.39 -15.64
N VAL D 141 -3.78 24.47 -16.92
CA VAL D 141 -4.49 25.60 -17.47
C VAL D 141 -5.97 25.24 -17.51
N SER D 142 -6.80 26.03 -16.83
CA SER D 142 -8.20 25.68 -16.65
C SER D 142 -8.98 26.91 -16.26
N SER D 143 -10.30 26.85 -16.50
CA SER D 143 -11.19 27.87 -15.99
C SER D 143 -11.58 27.63 -14.54
N ALA D 144 -11.37 26.41 -14.03
CA ALA D 144 -11.72 26.09 -12.66
C ALA D 144 -10.69 26.67 -11.69
N SER D 145 -11.09 26.77 -10.43
CA SER D 145 -10.23 27.25 -9.36
C SER D 145 -9.82 26.08 -8.46
N THR D 146 -8.74 26.29 -7.71
CA THR D 146 -8.25 25.27 -6.80
C THR D 146 -9.33 24.91 -5.78
N LYS D 147 -9.61 23.62 -5.65
CA LYS D 147 -10.71 23.16 -4.82
C LYS D 147 -10.40 21.79 -4.27
N GLY D 148 -10.68 21.59 -2.98
CA GLY D 148 -10.54 20.31 -2.34
C GLY D 148 -11.69 19.38 -2.68
N PRO D 149 -11.49 18.09 -2.48
CA PRO D 149 -12.52 17.11 -2.84
C PRO D 149 -13.46 16.76 -1.70
N SER D 150 -14.64 16.31 -2.08
CA SER D 150 -15.60 15.71 -1.17
C SER D 150 -15.46 14.20 -1.23
N VAL D 151 -15.49 13.54 -0.08
CA VAL D 151 -15.23 12.11 0.03
C VAL D 151 -16.51 11.42 0.46
N PHE D 152 -16.93 10.43 -0.33
CA PHE D 152 -18.10 9.62 -0.06
C PHE D 152 -17.73 8.14 -0.04
N PRO D 153 -18.37 7.35 0.81
CA PRO D 153 -17.96 5.95 0.96
C PRO D 153 -18.58 5.04 -0.08
N LEU D 154 -17.77 4.11 -0.58
CA LEU D 154 -18.23 3.03 -1.45
C LEU D 154 -18.46 1.82 -0.54
N ALA D 155 -19.67 1.73 0.00
CA ALA D 155 -19.99 0.74 1.02
C ALA D 155 -20.09 -0.66 0.42
N PRO D 156 -19.54 -1.67 1.10
CA PRO D 156 -19.67 -3.05 0.61
C PRO D 156 -21.12 -3.51 0.67
N SER D 157 -21.46 -4.39 -0.27
CA SER D 157 -22.84 -4.85 -0.42
C SER D 157 -23.22 -5.80 0.72
N SER D 158 -24.53 -5.97 0.89
CA SER D 158 -25.06 -6.86 1.93
C SER D 158 -24.87 -8.32 1.55
N GLY D 163 -16.99 -17.03 -2.61
CA GLY D 163 -17.38 -15.63 -2.66
C GLY D 163 -17.13 -14.90 -1.35
N GLY D 164 -15.96 -15.12 -0.77
CA GLY D 164 -15.59 -14.52 0.49
C GLY D 164 -14.89 -13.19 0.41
N THR D 165 -14.59 -12.71 -0.78
CA THR D 165 -13.89 -11.44 -0.97
C THR D 165 -14.90 -10.33 -1.19
N ALA D 166 -14.87 -9.32 -0.33
CA ALA D 166 -15.70 -8.13 -0.47
C ALA D 166 -14.83 -6.95 -0.89
N ALA D 167 -15.48 -5.91 -1.40
CA ALA D 167 -14.78 -4.73 -1.90
C ALA D 167 -15.46 -3.47 -1.38
N LEU D 168 -14.63 -2.50 -0.97
CA LEU D 168 -15.11 -1.19 -0.57
C LEU D 168 -14.08 -0.15 -0.99
N GLY D 169 -14.47 1.11 -0.91
CA GLY D 169 -13.56 2.16 -1.33
C GLY D 169 -14.08 3.53 -0.98
N CYS D 170 -13.44 4.54 -1.55
CA CYS D 170 -13.79 5.94 -1.31
C CYS D 170 -13.82 6.69 -2.63
N LEU D 171 -14.86 7.48 -2.83
CA LEU D 171 -15.01 8.30 -4.03
C LEU D 171 -14.49 9.70 -3.73
N VAL D 172 -13.43 10.10 -4.43
CA VAL D 172 -12.80 11.41 -4.23
C VAL D 172 -13.31 12.29 -5.37
N LYS D 173 -14.40 13.00 -5.12
CA LYS D 173 -15.17 13.66 -6.17
C LYS D 173 -14.93 15.17 -6.19
N ASP D 174 -14.84 15.71 -7.40
CA ASP D 174 -14.87 17.16 -7.65
C ASP D 174 -13.76 17.90 -6.89
N TYR D 175 -12.53 17.80 -7.39
CA TYR D 175 -11.42 18.57 -6.85
C TYR D 175 -10.63 19.18 -8.00
N PHE D 176 -9.75 20.11 -7.65
CA PHE D 176 -8.88 20.75 -8.63
C PHE D 176 -7.73 21.47 -7.93
N PRO D 177 -6.51 21.36 -8.47
CA PRO D 177 -6.20 20.49 -9.59
C PRO D 177 -5.74 19.12 -9.12
N GLU D 178 -5.15 18.33 -10.01
CA GLU D 178 -4.43 17.14 -9.60
C GLU D 178 -3.16 17.55 -8.86
N PRO D 179 -2.61 16.67 -8.01
CA PRO D 179 -3.06 15.32 -7.68
C PRO D 179 -3.77 15.20 -6.33
N VAL D 180 -4.28 14.01 -6.05
CA VAL D 180 -4.78 13.64 -4.72
C VAL D 180 -4.42 12.19 -4.48
N THR D 181 -4.03 11.87 -3.26
CA THR D 181 -3.58 10.54 -2.90
C THR D 181 -4.47 9.97 -1.80
N VAL D 182 -4.58 8.64 -1.77
CA VAL D 182 -5.46 7.95 -0.83
C VAL D 182 -4.65 6.90 -0.09
N SER D 183 -4.65 7.01 1.24
CA SER D 183 -4.11 5.98 2.11
C SER D 183 -5.27 5.24 2.79
N TRP D 184 -4.99 4.04 3.27
CA TRP D 184 -6.00 3.20 3.91
C TRP D 184 -5.51 2.80 5.29
N ASN D 185 -6.25 3.21 6.32
CA ASN D 185 -5.91 2.96 7.71
C ASN D 185 -4.50 3.47 8.03
N SER D 186 -4.22 4.68 7.56
CA SER D 186 -2.93 5.35 7.80
C SER D 186 -1.76 4.53 7.29
N GLY D 187 -1.96 3.83 6.17
CA GLY D 187 -0.91 3.04 5.56
C GLY D 187 -0.81 1.61 6.05
N ALA D 188 -1.68 1.19 6.95
CA ALA D 188 -1.66 -0.19 7.44
C ALA D 188 -2.28 -1.18 6.47
N LEU D 189 -2.95 -0.70 5.42
CA LEU D 189 -3.62 -1.56 4.44
C LEU D 189 -3.09 -1.19 3.06
N THR D 190 -2.26 -2.06 2.50
CA THR D 190 -1.68 -1.85 1.18
C THR D 190 -1.97 -2.98 0.19
N SER D 191 -2.10 -4.22 0.67
CA SER D 191 -2.33 -5.34 -0.23
C SER D 191 -3.76 -5.29 -0.78
N GLY D 192 -3.88 -5.20 -2.10
CA GLY D 192 -5.17 -5.15 -2.74
C GLY D 192 -5.75 -3.77 -2.92
N VAL D 193 -4.95 -2.71 -2.77
CA VAL D 193 -5.43 -1.34 -2.91
C VAL D 193 -5.19 -0.88 -4.34
N HIS D 194 -6.25 -0.40 -4.98
CA HIS D 194 -6.17 0.14 -6.34
C HIS D 194 -6.73 1.56 -6.33
N THR D 195 -5.86 2.54 -6.50
CA THR D 195 -6.25 3.94 -6.63
C THR D 195 -6.24 4.30 -8.11
N PHE D 196 -7.40 4.59 -8.67
CA PHE D 196 -7.54 4.76 -10.10
C PHE D 196 -7.12 6.16 -10.54
N PRO D 197 -6.61 6.30 -11.76
CA PRO D 197 -6.32 7.63 -12.30
C PRO D 197 -7.60 8.46 -12.40
N ALA D 198 -7.46 9.75 -12.12
CA ALA D 198 -8.60 10.64 -12.12
C ALA D 198 -9.08 10.93 -13.54
N VAL D 199 -10.39 11.16 -13.67
CA VAL D 199 -11.01 11.57 -14.92
C VAL D 199 -11.43 13.03 -14.76
N LEU D 200 -11.28 13.81 -15.84
CA LEU D 200 -11.69 15.20 -15.84
C LEU D 200 -13.15 15.28 -16.27
N GLN D 201 -14.01 15.75 -15.38
CA GLN D 201 -15.43 15.80 -15.65
C GLN D 201 -15.75 16.97 -16.59
N SER D 202 -16.95 16.91 -17.19
CA SER D 202 -17.46 18.04 -17.93
C SER D 202 -17.57 19.30 -17.07
N SER D 203 -17.54 19.13 -15.75
CA SER D 203 -17.51 20.26 -14.83
C SER D 203 -16.20 21.03 -14.88
N GLY D 204 -15.11 20.41 -15.30
CA GLY D 204 -13.79 20.98 -15.12
C GLY D 204 -13.10 20.52 -13.86
N LEU D 205 -13.74 19.67 -13.06
CA LEU D 205 -13.19 19.16 -11.82
C LEU D 205 -12.85 17.69 -11.97
N TYR D 206 -11.86 17.24 -11.19
CA TYR D 206 -11.39 15.86 -11.23
C TYR D 206 -12.14 15.01 -10.21
N SER D 207 -12.09 13.70 -10.44
CA SER D 207 -12.68 12.74 -9.51
C SER D 207 -12.07 11.37 -9.75
N LEU D 208 -11.65 10.70 -8.67
CA LEU D 208 -11.10 9.36 -8.77
C LEU D 208 -11.71 8.48 -7.69
N SER D 209 -11.54 7.17 -7.88
CA SER D 209 -11.97 6.18 -6.91
C SER D 209 -10.77 5.41 -6.41
N SER D 210 -10.77 5.08 -5.11
CA SER D 210 -9.74 4.25 -4.51
C SER D 210 -10.43 3.14 -3.74
N VAL D 211 -10.22 1.90 -4.17
CA VAL D 211 -10.94 0.74 -3.64
C VAL D 211 -9.93 -0.22 -3.01
N VAL D 212 -10.48 -1.18 -2.25
CA VAL D 212 -9.69 -2.24 -1.64
C VAL D 212 -10.58 -3.47 -1.54
N THR D 213 -9.99 -4.64 -1.72
CA THR D 213 -10.68 -5.91 -1.60
C THR D 213 -10.23 -6.62 -0.33
N VAL D 214 -11.18 -7.00 0.51
CA VAL D 214 -10.90 -7.65 1.79
C VAL D 214 -11.88 -8.79 1.99
N PRO D 215 -11.49 -9.79 2.79
CA PRO D 215 -12.42 -10.89 3.09
C PRO D 215 -13.69 -10.38 3.75
N SER D 216 -14.82 -10.99 3.39
CA SER D 216 -16.10 -10.58 3.92
C SER D 216 -16.21 -10.82 5.43
N SER D 217 -15.36 -11.69 5.98
CA SER D 217 -15.40 -11.94 7.42
C SER D 217 -14.94 -10.75 8.24
N SER D 218 -14.18 -9.83 7.64
CA SER D 218 -13.59 -8.72 8.38
C SER D 218 -14.52 -7.52 8.52
N LEU D 219 -15.69 -7.53 7.87
CA LEU D 219 -16.51 -6.32 7.81
C LEU D 219 -17.09 -5.98 9.18
N GLY D 220 -17.58 -6.99 9.91
CA GLY D 220 -18.27 -6.71 11.17
C GLY D 220 -17.37 -6.17 12.26
N THR D 221 -16.09 -6.54 12.25
CA THR D 221 -15.16 -6.17 13.31
C THR D 221 -14.19 -5.08 12.87
N GLN D 222 -13.54 -5.24 11.73
CA GLN D 222 -12.53 -4.30 11.28
C GLN D 222 -13.18 -3.03 10.73
N THR D 223 -12.58 -1.89 11.04
CA THR D 223 -13.02 -0.59 10.54
C THR D 223 -12.05 -0.13 9.47
N TYR D 224 -12.59 0.35 8.35
CA TYR D 224 -11.79 0.74 7.20
C TYR D 224 -11.90 2.24 6.99
N ILE D 225 -10.76 2.93 7.01
CA ILE D 225 -10.70 4.38 6.90
C ILE D 225 -9.77 4.73 5.75
N CYS D 226 -10.26 5.54 4.81
CA CYS D 226 -9.43 6.06 3.73
C CYS D 226 -8.95 7.46 4.11
N ASN D 227 -7.67 7.72 3.89
CA ASN D 227 -7.03 8.98 4.26
C ASN D 227 -6.73 9.74 2.98
N VAL D 228 -7.64 10.64 2.60
CA VAL D 228 -7.51 11.44 1.39
C VAL D 228 -6.70 12.68 1.70
N ASN D 229 -5.77 13.03 0.79
CA ASN D 229 -4.91 14.20 0.97
C ASN D 229 -4.77 14.90 -0.36
N HIS D 230 -5.38 16.08 -0.48
CA HIS D 230 -5.28 16.93 -1.67
C HIS D 230 -4.36 18.10 -1.31
N LYS D 231 -3.06 17.87 -1.48
CA LYS D 231 -2.08 18.91 -1.13
C LYS D 231 -2.19 20.19 -1.96
N PRO D 232 -2.61 20.17 -3.24
CA PRO D 232 -2.85 21.45 -3.94
C PRO D 232 -3.78 22.40 -3.18
N SER D 233 -4.75 21.88 -2.43
CA SER D 233 -5.61 22.70 -1.59
C SER D 233 -5.34 22.51 -0.11
N ASN D 234 -4.32 21.74 0.26
CA ASN D 234 -4.04 21.38 1.64
C ASN D 234 -5.29 20.82 2.33
N THR D 235 -5.90 19.84 1.67
CA THR D 235 -7.10 19.19 2.18
C THR D 235 -6.75 17.76 2.59
N LYS D 236 -7.08 17.42 3.84
CA LYS D 236 -6.86 16.08 4.37
C LYS D 236 -8.16 15.59 4.96
N VAL D 237 -8.67 14.47 4.46
CA VAL D 237 -9.97 13.93 4.85
C VAL D 237 -9.81 12.47 5.25
N ASP D 238 -10.41 12.10 6.38
CA ASP D 238 -10.58 10.71 6.78
C ASP D 238 -12.05 10.37 6.73
N LYS D 239 -12.37 9.17 6.26
CA LYS D 239 -13.76 8.75 6.11
C LYS D 239 -13.85 7.24 6.35
N LYS D 240 -14.64 6.85 7.35
CA LYS D 240 -14.84 5.44 7.64
C LYS D 240 -15.87 4.85 6.69
N VAL D 241 -15.52 3.71 6.10
CA VAL D 241 -16.39 3.02 5.16
C VAL D 241 -17.03 1.85 5.88
N GLU D 242 -18.35 1.90 6.04
CA GLU D 242 -19.10 0.86 6.72
C GLU D 242 -20.21 0.34 5.81
N PRO D 243 -20.51 -0.97 5.85
CA PRO D 243 -21.58 -1.64 5.10
C PRO D 243 -22.90 -0.86 5.08
N PRO E 9 46.48 4.06 -11.16
CA PRO E 9 45.61 4.82 -12.06
C PRO E 9 46.22 6.14 -12.51
N LYS E 10 45.77 6.66 -13.64
CA LYS E 10 46.29 7.90 -14.21
C LYS E 10 45.29 9.03 -14.04
N ALA E 11 45.80 10.23 -13.78
CA ALA E 11 44.95 11.41 -13.69
C ALA E 11 44.54 11.87 -15.07
N VAL E 12 43.55 12.76 -15.11
CA VAL E 12 43.04 13.33 -16.36
C VAL E 12 42.72 14.81 -16.11
N VAL E 13 43.16 15.66 -17.02
CA VAL E 13 42.88 17.10 -16.97
C VAL E 13 41.67 17.40 -17.85
N PHE E 14 40.70 18.11 -17.30
CA PHE E 14 39.48 18.46 -18.02
C PHE E 14 39.46 19.97 -18.25
N LEU E 15 39.37 20.38 -19.51
CA LEU E 15 39.22 21.79 -19.84
C LEU E 15 37.76 22.20 -19.71
N GLU E 16 37.50 23.25 -18.94
CA GLU E 16 36.15 23.77 -18.74
C GLU E 16 36.12 25.24 -19.10
N PRO E 17 35.48 25.62 -20.22
CA PRO E 17 34.81 24.71 -21.15
C PRO E 17 35.77 23.91 -22.04
N GLN E 18 35.21 23.06 -22.89
CA GLN E 18 35.99 22.08 -23.65
C GLN E 18 36.86 22.69 -24.73
N TRP E 19 36.72 23.98 -25.02
CA TRP E 19 37.46 24.59 -26.12
C TRP E 19 38.95 24.63 -25.82
N TYR E 20 39.75 24.09 -26.75
CA TYR E 20 41.21 24.17 -26.63
C TYR E 20 41.79 25.41 -27.29
N ARG E 21 40.98 26.17 -28.03
CA ARG E 21 41.38 27.44 -28.60
C ARG E 21 40.55 28.54 -27.96
N VAL E 22 41.22 29.46 -27.27
CA VAL E 22 40.56 30.55 -26.57
C VAL E 22 41.16 31.87 -27.01
N LEU E 23 40.38 32.93 -26.82
CA LEU E 23 40.83 34.29 -27.10
C LEU E 23 41.48 34.88 -25.84
N GLU E 24 42.12 36.04 -26.02
CA GLU E 24 42.74 36.71 -24.88
C GLU E 24 41.68 37.19 -23.90
N LYS E 25 42.05 37.22 -22.62
CA LYS E 25 41.21 37.60 -21.50
C LYS E 25 40.08 36.59 -21.25
N ASP E 26 40.05 35.47 -21.96
CA ASP E 26 39.06 34.44 -21.70
C ASP E 26 39.38 33.71 -20.41
N SER E 27 38.34 33.23 -19.74
CA SER E 27 38.47 32.48 -18.50
C SER E 27 38.40 30.99 -18.79
N VAL E 28 39.41 30.25 -18.33
CA VAL E 28 39.50 28.81 -18.56
C VAL E 28 39.75 28.12 -17.23
N THR E 29 39.14 26.95 -17.06
CA THR E 29 39.31 26.12 -15.87
C THR E 29 39.81 24.75 -16.29
N LEU E 30 40.85 24.27 -15.61
CA LEU E 30 41.45 22.96 -15.89
C LEU E 30 41.23 22.08 -14.65
N LYS E 31 40.23 21.20 -14.73
CA LYS E 31 39.94 20.30 -13.61
C LYS E 31 40.83 19.07 -13.67
N CYS E 32 41.35 18.67 -12.51
CA CYS E 32 42.17 17.48 -12.40
C CYS E 32 41.34 16.35 -11.80
N GLN E 33 41.30 15.23 -12.49
CA GLN E 33 40.52 14.07 -12.07
C GLN E 33 41.47 13.02 -11.49
N GLY E 34 41.61 13.03 -10.16
CA GLY E 34 42.50 12.11 -9.48
C GLY E 34 41.94 11.68 -8.15
N ALA E 35 42.69 10.82 -7.47
CA ALA E 35 42.28 10.29 -6.18
C ALA E 35 42.92 11.09 -5.05
N TYR E 36 42.24 11.11 -3.91
CA TYR E 36 42.74 11.82 -2.73
C TYR E 36 42.57 10.99 -1.47
N ASP E 40 46.54 13.07 2.17
CA ASP E 40 46.77 14.38 1.57
C ASP E 40 45.81 14.61 0.41
N GLN E 41 45.49 15.88 0.14
CA GLN E 41 44.57 16.25 -0.92
C GLN E 41 45.16 17.32 -1.83
N SER E 42 46.48 17.36 -1.98
CA SER E 42 47.13 18.34 -2.82
C SER E 42 47.24 17.82 -4.25
N THR E 43 47.39 18.76 -5.18
CA THR E 43 47.49 18.46 -6.60
C THR E 43 48.70 19.17 -7.19
N GLN E 44 49.42 18.48 -8.07
CA GLN E 44 50.54 19.08 -8.78
C GLN E 44 50.12 19.45 -10.19
N TRP E 45 50.54 20.63 -10.63
CA TRP E 45 50.20 21.14 -11.95
C TRP E 45 51.48 21.46 -12.72
N PHE E 46 51.54 21.02 -13.97
CA PHE E 46 52.71 21.20 -14.83
C PHE E 46 52.28 21.95 -16.09
N HIS E 47 52.64 23.22 -16.17
CA HIS E 47 52.42 24.02 -17.38
C HIS E 47 53.60 23.81 -18.32
N ASN E 48 53.30 23.59 -19.60
CA ASN E 48 54.27 23.07 -20.55
C ASN E 48 54.89 21.83 -19.94
N GLU E 49 56.11 21.93 -19.39
CA GLU E 49 56.69 20.80 -18.67
C GLU E 49 57.49 21.29 -17.48
N SER E 50 56.93 22.25 -16.75
CA SER E 50 57.52 22.75 -15.52
C SER E 50 56.42 22.93 -14.49
N LEU E 51 56.72 22.54 -13.25
CA LEU E 51 55.75 22.68 -12.17
C LEU E 51 55.47 24.16 -11.91
N ILE E 52 54.21 24.46 -11.56
CA ILE E 52 53.79 25.85 -11.37
C ILE E 52 53.32 26.08 -9.95
N SER E 53 52.83 27.30 -9.69
CA SER E 53 52.50 27.70 -8.32
C SER E 53 51.28 26.95 -7.80
N SER E 54 50.20 26.94 -8.57
CA SER E 54 48.92 26.44 -8.07
C SER E 54 49.01 24.96 -7.70
N GLN E 55 48.37 24.60 -6.58
CA GLN E 55 48.26 23.21 -6.15
C GLN E 55 46.82 22.87 -5.78
N ALA E 56 45.86 23.50 -6.44
CA ALA E 56 44.45 23.24 -6.19
C ALA E 56 43.93 22.16 -7.12
N SER E 57 42.74 21.64 -6.77
CA SER E 57 42.12 20.61 -7.60
C SER E 57 41.83 21.13 -9.00
N SER E 58 41.37 22.38 -9.11
CA SER E 58 41.08 23.01 -10.38
C SER E 58 42.00 24.22 -10.56
N TYR E 59 42.73 24.24 -11.68
CA TYR E 59 43.59 25.37 -12.00
C TYR E 59 42.77 26.39 -12.80
N PHE E 60 42.74 27.63 -12.31
N PHE E 60 42.69 27.61 -12.28
CA PHE E 60 41.89 28.67 -12.88
CA PHE E 60 41.91 28.67 -12.88
C PHE E 60 42.73 29.78 -13.49
C PHE E 60 42.83 29.66 -13.58
N ILE E 61 42.33 30.23 -14.68
CA ILE E 61 42.98 31.33 -15.39
C ILE E 61 41.87 32.33 -15.69
N ASP E 62 41.80 33.41 -14.89
CA ASP E 62 40.70 34.35 -15.03
C ASP E 62 40.79 35.14 -16.33
N ALA E 63 42.00 35.48 -16.77
CA ALA E 63 42.22 36.20 -18.01
C ALA E 63 43.33 35.52 -18.78
N ALA E 64 43.00 34.99 -19.96
CA ALA E 64 43.95 34.22 -20.75
C ALA E 64 44.98 35.13 -21.41
N THR E 65 46.25 34.77 -21.30
CA THR E 65 47.34 35.42 -21.99
C THR E 65 48.03 34.42 -22.91
N VAL E 66 48.90 34.95 -23.78
CA VAL E 66 49.56 34.11 -24.76
C VAL E 66 50.47 33.08 -24.07
N ASP E 67 51.13 33.51 -23.00
CA ASP E 67 52.02 32.60 -22.27
C ASP E 67 51.28 31.43 -21.66
N ASP E 68 49.97 31.54 -21.47
CA ASP E 68 49.17 30.42 -20.99
C ASP E 68 49.06 29.30 -22.01
N SER E 69 49.50 29.53 -23.25
CA SER E 69 49.51 28.46 -24.25
C SER E 69 50.55 27.41 -23.90
N GLY E 70 50.28 26.18 -24.32
CA GLY E 70 51.13 25.05 -24.03
C GLY E 70 50.31 23.87 -23.58
N GLU E 71 50.98 22.88 -23.00
CA GLU E 71 50.33 21.66 -22.54
C GLU E 71 50.35 21.61 -21.02
N TYR E 72 49.27 21.06 -20.45
CA TYR E 72 49.09 20.99 -19.01
C TYR E 72 48.91 19.54 -18.57
N ARG E 73 49.52 19.20 -17.44
CA ARG E 73 49.41 17.87 -16.85
C ARG E 73 49.27 18.00 -15.34
N CYS E 74 48.41 17.19 -14.76
CA CYS E 74 48.15 17.24 -13.33
C CYS E 74 48.48 15.89 -12.69
N GLN E 75 48.57 15.91 -11.37
CA GLN E 75 48.92 14.72 -10.61
C GLN E 75 48.55 14.92 -9.16
N THR E 76 47.99 13.89 -8.55
CA THR E 76 47.76 13.81 -7.11
C THR E 76 48.72 12.78 -6.51
N GLN E 77 48.53 12.48 -5.22
CA GLN E 77 49.45 11.54 -4.58
C GLN E 77 49.06 10.10 -4.89
N LEU E 78 47.84 9.88 -5.38
CA LEU E 78 47.33 8.54 -5.66
C LEU E 78 46.87 8.40 -7.10
N SER E 79 47.45 9.17 -8.02
CA SER E 79 47.13 9.03 -9.44
C SER E 79 48.29 9.54 -10.28
N THR E 80 48.68 8.76 -11.30
CA THR E 80 49.87 9.04 -12.08
C THR E 80 49.71 10.33 -12.89
N LEU E 81 50.85 10.84 -13.37
CA LEU E 81 50.87 12.03 -14.21
C LEU E 81 50.00 11.83 -15.43
N SER E 82 49.15 12.81 -15.71
CA SER E 82 48.15 12.69 -16.77
C SER E 82 48.77 12.83 -18.15
N ASP E 83 47.97 12.52 -19.16
CA ASP E 83 48.34 12.81 -20.53
C ASP E 83 48.24 14.32 -20.77
N PRO E 84 49.05 14.85 -21.69
CA PRO E 84 49.06 16.31 -21.89
C PRO E 84 47.79 16.79 -22.59
N VAL E 85 47.30 17.95 -22.14
CA VAL E 85 46.21 18.65 -22.80
C VAL E 85 46.76 19.98 -23.30
N GLN E 86 46.49 20.29 -24.56
CA GLN E 86 47.03 21.48 -25.18
C GLN E 86 46.05 22.63 -25.10
N LEU E 87 46.58 23.84 -24.88
CA LEU E 87 45.77 25.05 -24.83
C LEU E 87 46.42 26.10 -25.74
N GLU E 88 45.60 26.73 -26.58
CA GLU E 88 46.05 27.79 -27.48
C GLU E 88 45.30 29.06 -27.16
N VAL E 89 46.04 30.13 -26.89
CA VAL E 89 45.48 31.45 -26.63
C VAL E 89 45.86 32.35 -27.81
N HIS E 90 44.86 32.81 -28.55
CA HIS E 90 45.06 33.64 -29.72
C HIS E 90 44.64 35.07 -29.43
N ILE E 91 45.13 35.99 -30.25
CA ILE E 91 44.75 37.40 -30.21
C ILE E 91 43.95 37.71 -31.46
N GLY E 92 42.86 38.45 -31.29
CA GLY E 92 41.99 38.76 -32.39
C GLY E 92 40.59 39.06 -31.88
N TRP E 93 39.73 39.44 -32.80
CA TRP E 93 38.35 39.81 -32.46
C TRP E 93 37.37 38.66 -32.63
N LEU E 94 37.59 37.77 -33.58
CA LEU E 94 36.73 36.62 -33.81
C LEU E 94 37.55 35.34 -33.78
N LEU E 95 36.97 34.28 -33.20
CA LEU E 95 37.65 33.01 -33.07
C LEU E 95 36.65 31.88 -33.22
N LEU E 96 36.95 30.94 -34.11
CA LEU E 96 36.18 29.71 -34.25
C LEU E 96 36.75 28.69 -33.28
N GLN E 97 35.96 28.33 -32.27
CA GLN E 97 36.42 27.44 -31.21
C GLN E 97 36.08 25.99 -31.54
N ALA E 98 36.95 25.09 -31.09
CA ALA E 98 36.80 23.66 -31.33
C ALA E 98 37.31 22.89 -30.12
N PRO E 99 36.74 21.72 -29.85
CA PRO E 99 37.29 20.88 -28.77
C PRO E 99 38.61 20.24 -29.15
N ARG E 100 38.78 19.88 -30.40
CA ARG E 100 40.01 19.28 -30.90
C ARG E 100 40.14 19.66 -32.38
N TRP E 101 41.12 19.08 -33.06
CA TRP E 101 41.32 19.35 -34.48
C TRP E 101 41.36 18.10 -35.35
N VAL E 102 41.39 16.90 -34.78
CA VAL E 102 41.30 15.66 -35.52
C VAL E 102 40.06 14.91 -35.04
N PHE E 103 39.17 14.58 -35.96
CA PHE E 103 37.90 13.94 -35.65
C PHE E 103 37.83 12.59 -36.34
N LYS E 104 37.48 11.56 -35.58
CA LYS E 104 37.20 10.26 -36.18
C LYS E 104 35.83 10.30 -36.86
N GLU E 105 35.64 9.39 -37.82
CA GLU E 105 34.40 9.39 -38.59
C GLU E 105 33.20 9.11 -37.69
N GLU E 106 32.08 9.76 -38.02
CA GLU E 106 30.80 9.67 -37.31
C GLU E 106 30.85 10.33 -35.93
N ASP E 107 31.93 11.02 -35.59
CA ASP E 107 31.93 11.78 -34.34
C ASP E 107 31.17 13.09 -34.52
N PRO E 108 30.48 13.53 -33.48
CA PRO E 108 29.86 14.87 -33.54
C PRO E 108 30.92 15.96 -33.57
N ILE E 109 30.65 16.99 -34.35
CA ILE E 109 31.54 18.14 -34.48
C ILE E 109 30.81 19.36 -33.93
N HIS E 110 31.35 19.93 -32.85
CA HIS E 110 30.73 21.05 -32.15
C HIS E 110 31.70 22.24 -32.20
N LEU E 111 31.31 23.29 -32.92
CA LEU E 111 32.12 24.49 -33.04
C LEU E 111 31.37 25.68 -32.46
N ARG E 112 32.10 26.76 -32.23
CA ARG E 112 31.52 27.99 -31.69
C ARG E 112 32.38 29.17 -32.11
N CYS E 113 31.75 30.16 -32.73
CA CYS E 113 32.39 31.43 -33.02
C CYS E 113 32.27 32.34 -31.80
N HIS E 114 33.41 32.69 -31.21
CA HIS E 114 33.46 33.44 -29.97
C HIS E 114 34.11 34.80 -30.21
N SER E 115 33.49 35.85 -29.67
CA SER E 115 33.98 37.21 -29.85
C SER E 115 34.83 37.63 -28.65
N TRP E 116 35.66 38.65 -28.89
CA TRP E 116 36.53 39.18 -27.84
C TRP E 116 35.71 39.75 -26.70
N LYS E 117 35.90 39.19 -25.50
CA LYS E 117 35.17 39.60 -24.30
C LYS E 117 33.66 39.43 -24.47
N ASN E 118 33.26 38.53 -25.36
CA ASN E 118 31.87 38.38 -25.79
C ASN E 118 31.28 39.74 -26.18
N THR E 119 32.01 40.47 -27.01
CA THR E 119 31.46 41.66 -27.63
C THR E 119 30.24 41.27 -28.46
N ALA E 120 29.22 42.12 -28.45
CA ALA E 120 27.93 41.85 -29.06
C ALA E 120 28.07 41.22 -30.44
N LEU E 121 27.72 39.94 -30.56
CA LEU E 121 27.91 39.17 -31.78
C LEU E 121 26.56 38.82 -32.37
N HIS E 122 26.35 39.18 -33.63
CA HIS E 122 25.10 38.90 -34.33
C HIS E 122 25.40 38.55 -35.78
N LYS E 123 24.41 37.90 -36.41
CA LYS E 123 24.49 37.51 -37.82
C LYS E 123 25.71 36.64 -38.09
N VAL E 124 25.75 35.50 -37.40
CA VAL E 124 26.89 34.59 -37.47
C VAL E 124 26.77 33.69 -38.69
N THR E 125 27.91 33.41 -39.33
CA THR E 125 27.96 32.47 -40.44
C THR E 125 29.16 31.56 -40.28
N TYR E 126 28.92 30.26 -40.32
CA TYR E 126 29.99 29.25 -40.30
C TYR E 126 30.23 28.77 -41.71
N LEU E 127 31.50 28.71 -42.12
CA LEU E 127 31.87 28.41 -43.50
C LEU E 127 32.90 27.29 -43.55
N GLN E 128 32.74 26.40 -44.52
CA GLN E 128 33.71 25.35 -44.81
C GLN E 128 34.26 25.58 -46.22
N ASN E 129 35.56 25.84 -46.30
CA ASN E 129 36.25 26.02 -47.59
C ASN E 129 35.65 27.18 -48.39
N GLY E 130 35.37 28.29 -47.71
CA GLY E 130 34.97 29.50 -48.38
C GLY E 130 33.50 29.60 -48.76
N LYS E 131 32.67 28.64 -48.36
CA LYS E 131 31.25 28.68 -48.64
C LYS E 131 30.48 28.45 -47.34
N GLY E 132 29.58 29.37 -47.03
CA GLY E 132 28.83 29.27 -45.78
C GLY E 132 27.91 28.08 -45.75
N ARG E 133 27.76 27.51 -44.56
CA ARG E 133 26.94 26.32 -44.37
C ARG E 133 25.76 26.52 -43.43
N LYS E 134 25.82 27.47 -42.51
CA LYS E 134 24.70 27.75 -41.62
C LYS E 134 24.83 29.18 -41.10
N TYR E 135 23.70 29.89 -41.10
CA TYR E 135 23.65 31.29 -40.69
C TYR E 135 22.73 31.43 -39.48
N PHE E 136 23.21 32.14 -38.47
CA PHE E 136 22.45 32.41 -37.26
C PHE E 136 22.18 33.90 -37.14
N HIS E 137 20.96 34.26 -36.74
CA HIS E 137 20.65 35.66 -36.48
C HIS E 137 21.43 36.17 -35.26
N HIS E 138 21.59 35.33 -34.24
CA HIS E 138 22.42 35.68 -33.09
C HIS E 138 23.72 34.89 -33.14
N ASN E 139 24.11 34.32 -32.01
CA ASN E 139 25.45 33.76 -31.86
C ASN E 139 25.38 32.31 -31.38
N SER E 140 24.57 31.50 -32.03
CA SER E 140 24.47 30.09 -31.64
C SER E 140 25.70 29.32 -32.14
N ASP E 141 25.74 28.03 -31.84
CA ASP E 141 26.87 27.19 -32.15
C ASP E 141 26.62 26.36 -33.41
N PHE E 142 27.71 25.92 -34.03
CA PHE E 142 27.67 25.05 -35.19
C PHE E 142 27.82 23.61 -34.75
N TYR E 143 27.07 22.71 -35.40
CA TYR E 143 27.03 21.32 -34.97
C TYR E 143 26.83 20.40 -36.16
N ILE E 144 27.69 19.40 -36.27
CA ILE E 144 27.55 18.30 -37.23
C ILE E 144 27.33 17.02 -36.42
N PRO E 145 26.15 16.41 -36.47
CA PRO E 145 25.88 15.28 -35.57
C PRO E 145 26.75 14.06 -35.85
N LYS E 146 26.94 13.71 -37.12
CA LYS E 146 27.80 12.59 -37.51
C LYS E 146 28.69 13.05 -38.64
N ALA E 147 30.00 12.94 -38.45
CA ALA E 147 30.97 13.52 -39.37
C ALA E 147 31.23 12.58 -40.54
N THR E 148 30.88 13.01 -41.74
CA THR E 148 31.35 12.35 -42.95
C THR E 148 32.77 12.83 -43.27
N LEU E 149 33.41 12.16 -44.22
CA LEU E 149 34.73 12.59 -44.65
C LEU E 149 34.68 13.85 -45.50
N LYS E 150 33.56 14.10 -46.19
CA LYS E 150 33.39 15.33 -46.92
C LYS E 150 33.30 16.55 -46.00
N ASP E 151 33.10 16.34 -44.70
CA ASP E 151 33.11 17.45 -43.76
C ASP E 151 34.51 18.01 -43.55
N SER E 152 35.54 17.28 -43.97
CA SER E 152 36.91 17.77 -43.86
C SER E 152 37.09 19.06 -44.65
N GLY E 153 38.02 19.89 -44.19
CA GLY E 153 38.35 21.10 -44.90
C GLY E 153 38.74 22.22 -43.94
N SER E 154 38.80 23.43 -44.49
CA SER E 154 39.15 24.62 -43.74
C SER E 154 37.87 25.30 -43.25
N TYR E 155 37.79 25.56 -41.94
CA TYR E 155 36.62 26.13 -41.32
C TYR E 155 36.97 27.48 -40.68
N PHE E 156 36.14 28.48 -40.91
CA PHE E 156 36.24 29.76 -40.25
C PHE E 156 34.83 30.31 -40.08
N CYS E 157 34.71 31.34 -39.24
CA CYS E 157 33.42 31.97 -38.99
C CYS E 157 33.51 33.48 -39.18
N ARG E 158 32.35 34.12 -39.26
CA ARG E 158 32.28 35.56 -39.43
C ARG E 158 30.90 36.03 -38.99
N GLY E 159 30.86 37.27 -38.50
CA GLY E 159 29.62 37.87 -38.05
C GLY E 159 29.86 39.32 -37.66
N LEU E 160 28.78 39.96 -37.23
CA LEU E 160 28.85 41.36 -36.83
C LEU E 160 29.35 41.47 -35.40
N VAL E 161 30.48 42.12 -35.23
CA VAL E 161 31.06 42.37 -33.90
C VAL E 161 30.72 43.82 -33.56
N GLY E 162 29.62 44.01 -32.84
CA GLY E 162 29.14 45.34 -32.53
C GLY E 162 28.67 46.09 -33.77
N SER E 163 29.50 47.02 -34.26
CA SER E 163 29.21 47.76 -35.46
C SER E 163 30.24 47.51 -36.56
N LYS E 164 30.98 46.41 -36.46
CA LYS E 164 31.99 46.05 -37.44
C LYS E 164 31.81 44.61 -37.87
N ASN E 165 31.97 44.35 -39.16
CA ASN E 165 31.86 43.01 -39.72
C ASN E 165 33.24 42.37 -39.74
N VAL E 166 33.41 41.31 -38.95
CA VAL E 166 34.71 40.67 -38.77
C VAL E 166 34.60 39.20 -39.17
N SER E 167 35.71 38.65 -39.64
CA SER E 167 35.83 37.24 -39.96
C SER E 167 36.97 36.64 -39.14
N SER E 168 36.75 35.41 -38.66
CA SER E 168 37.72 34.75 -37.81
C SER E 168 38.83 34.11 -38.65
N GLU E 169 39.75 33.43 -37.98
CA GLU E 169 40.82 32.70 -38.62
C GLU E 169 40.36 31.29 -38.95
N THR E 170 41.03 30.67 -39.92
CA THR E 170 40.64 29.35 -40.40
C THR E 170 41.19 28.26 -39.48
N VAL E 171 40.46 27.14 -39.44
CA VAL E 171 40.88 25.95 -38.72
C VAL E 171 40.87 24.78 -39.69
N GLN E 172 41.94 24.00 -39.71
CA GLN E 172 42.05 22.84 -40.58
C GLN E 172 41.48 21.64 -39.85
N ILE E 173 40.30 21.18 -40.28
CA ILE E 173 39.60 20.07 -39.66
C ILE E 173 39.79 18.83 -40.54
N THR E 174 40.29 17.76 -39.94
CA THR E 174 40.58 16.51 -40.64
C THR E 174 39.73 15.39 -40.06
N ILE E 175 39.06 14.64 -40.94
CA ILE E 175 38.19 13.55 -40.54
C ILE E 175 38.90 12.24 -40.86
N THR E 176 39.27 11.49 -39.83
CA THR E 176 39.85 10.18 -40.01
C THR E 176 38.76 9.13 -40.13
N GLN E 177 39.12 7.97 -40.67
CA GLN E 177 38.18 6.87 -40.89
C GLN E 177 38.41 5.72 -39.93
N GLY E 178 39.58 5.07 -40.01
CA GLY E 178 39.87 3.93 -39.15
C GLY E 178 40.03 4.30 -37.69
N LEU F 8 -47.59 -18.65 0.30
CA LEU F 8 -47.21 -20.05 0.43
C LEU F 8 -46.54 -20.40 1.79
N PRO F 9 -45.54 -19.63 2.22
CA PRO F 9 -44.85 -19.97 3.48
C PRO F 9 -45.79 -19.88 4.68
N LYS F 10 -45.40 -20.57 5.75
CA LYS F 10 -46.18 -20.62 6.97
C LYS F 10 -45.44 -19.94 8.10
N ALA F 11 -46.18 -19.20 8.93
CA ALA F 11 -45.58 -18.44 10.02
C ALA F 11 -45.11 -19.39 11.13
N VAL F 12 -44.29 -18.85 12.02
CA VAL F 12 -43.77 -19.58 13.18
C VAL F 12 -43.76 -18.64 14.37
N VAL F 13 -44.22 -19.12 15.52
CA VAL F 13 -44.16 -18.37 16.76
C VAL F 13 -42.83 -18.68 17.45
N PHE F 14 -42.14 -17.64 17.90
CA PHE F 14 -40.83 -17.77 18.53
C PHE F 14 -40.91 -17.25 19.96
N LEU F 15 -40.53 -18.09 20.92
CA LEU F 15 -40.46 -17.69 22.31
C LEU F 15 -39.09 -17.09 22.61
N GLU F 16 -39.09 -15.91 23.22
CA GLU F 16 -37.86 -15.23 23.62
C GLU F 16 -38.01 -14.75 25.05
N PRO F 17 -37.30 -15.33 26.02
CA PRO F 17 -36.34 -16.43 25.82
C PRO F 17 -37.00 -17.78 25.55
N GLN F 18 -36.16 -18.80 25.36
CA GLN F 18 -36.62 -20.09 24.86
C GLN F 18 -37.55 -20.83 25.82
N TRP F 19 -37.49 -20.51 27.11
CA TRP F 19 -38.19 -21.30 28.13
C TRP F 19 -39.69 -21.29 27.89
N TYR F 20 -40.28 -22.49 27.76
CA TYR F 20 -41.71 -22.62 27.54
C TYR F 20 -42.51 -22.63 28.84
N ARG F 21 -41.87 -22.92 29.97
CA ARG F 21 -42.52 -22.86 31.27
C ARG F 21 -41.88 -21.74 32.08
N VAL F 22 -42.68 -20.76 32.48
CA VAL F 22 -42.20 -19.60 33.23
C VAL F 22 -43.04 -19.47 34.50
N LEU F 23 -42.56 -18.62 35.40
CA LEU F 23 -43.25 -18.33 36.64
C LEU F 23 -44.08 -17.06 36.50
N GLU F 24 -44.91 -16.80 37.51
CA GLU F 24 -45.70 -15.59 37.52
C GLU F 24 -44.79 -14.37 37.61
N LYS F 25 -45.28 -13.24 37.08
CA LYS F 25 -44.59 -11.96 37.04
C LYS F 25 -43.36 -11.97 36.14
N ASP F 26 -43.17 -13.01 35.33
CA ASP F 26 -42.02 -13.07 34.44
C ASP F 26 -42.29 -12.29 33.16
N SER F 27 -41.22 -12.05 32.40
CA SER F 27 -41.29 -11.31 31.15
C SER F 27 -41.10 -12.27 29.99
N VAL F 28 -42.09 -12.33 29.09
CA VAL F 28 -42.07 -13.23 27.95
C VAL F 28 -42.34 -12.42 26.68
N THR F 29 -41.56 -12.67 25.63
CA THR F 29 -41.74 -12.03 24.34
C THR F 29 -41.96 -13.10 23.29
N LEU F 30 -43.08 -13.04 22.59
CA LEU F 30 -43.40 -13.94 21.50
C LEU F 30 -43.24 -13.22 20.18
N LYS F 31 -42.50 -13.83 19.25
CA LYS F 31 -42.20 -13.21 17.96
C LYS F 31 -42.77 -14.08 16.84
N CYS F 32 -43.37 -13.43 15.84
CA CYS F 32 -43.93 -14.11 14.68
C CYS F 32 -43.03 -13.90 13.48
N GLN F 33 -42.73 -14.98 12.77
CA GLN F 33 -41.84 -14.95 11.62
C GLN F 33 -42.63 -15.20 10.33
N GLY F 34 -42.19 -14.55 9.26
CA GLY F 34 -42.85 -14.68 7.97
C GLY F 34 -42.38 -13.67 6.96
N ALA F 35 -43.21 -12.65 6.72
CA ALA F 35 -42.87 -11.59 5.78
C ALA F 35 -43.75 -10.37 6.00
N ASP F 40 -48.29 -4.37 3.15
CA ASP F 40 -48.68 -4.75 4.50
C ASP F 40 -47.48 -5.18 5.33
N GLN F 41 -47.47 -4.78 6.61
CA GLN F 41 -46.50 -5.27 7.57
C GLN F 41 -47.15 -5.66 8.90
N SER F 42 -48.44 -5.96 8.88
CA SER F 42 -49.19 -6.28 10.08
C SER F 42 -49.12 -7.77 10.40
N THR F 43 -49.49 -8.10 11.63
CA THR F 43 -49.53 -9.48 12.10
C THR F 43 -50.86 -9.71 12.83
N GLN F 44 -51.15 -10.97 13.09
CA GLN F 44 -52.32 -11.36 13.86
C GLN F 44 -51.90 -12.36 14.92
N TRP F 45 -52.48 -12.26 16.11
CA TRP F 45 -52.13 -13.11 17.23
C TRP F 45 -53.38 -13.72 17.83
N PHE F 46 -53.29 -15.00 18.21
CA PHE F 46 -54.43 -15.74 18.74
C PHE F 46 -54.01 -16.51 19.98
N HIS F 47 -54.87 -16.52 20.98
CA HIS F 47 -54.64 -17.23 22.23
C HIS F 47 -55.84 -18.12 22.52
N ASN F 48 -55.62 -19.43 22.56
CA ASN F 48 -56.69 -20.42 22.71
C ASN F 48 -57.72 -20.28 21.58
N GLU F 49 -57.22 -20.07 20.36
CA GLU F 49 -58.05 -19.82 19.19
C GLU F 49 -58.99 -18.63 19.43
N SER F 50 -58.36 -17.49 19.70
CA SER F 50 -59.10 -16.26 19.98
C SER F 50 -58.19 -15.08 19.70
N LEU F 51 -58.59 -14.21 18.78
CA LEU F 51 -57.74 -13.11 18.35
C LEU F 51 -57.60 -12.07 19.46
N ILE F 52 -56.35 -11.72 19.77
CA ILE F 52 -56.06 -10.59 20.64
C ILE F 52 -55.77 -9.38 19.77
N SER F 53 -55.91 -8.20 20.36
CA SER F 53 -55.86 -6.96 19.60
C SER F 53 -54.45 -6.52 19.23
N SER F 54 -53.42 -7.10 19.82
CA SER F 54 -52.05 -6.74 19.47
C SER F 54 -51.71 -7.27 18.09
N GLN F 55 -51.40 -6.35 17.17
CA GLN F 55 -51.08 -6.73 15.80
C GLN F 55 -49.68 -6.27 15.40
N ALA F 56 -48.79 -6.14 16.38
CA ALA F 56 -47.38 -5.91 16.08
C ALA F 56 -46.71 -7.24 15.72
N SER F 57 -45.45 -7.15 15.28
CA SER F 57 -44.72 -8.35 14.90
C SER F 57 -44.35 -9.18 16.12
N SER F 58 -44.31 -8.56 17.30
CA SER F 58 -43.92 -9.23 18.53
C SER F 58 -44.92 -8.85 19.61
N TYR F 59 -45.40 -9.86 20.34
CA TYR F 59 -46.32 -9.66 21.45
C TYR F 59 -45.56 -9.79 22.76
N PHE F 60 -45.71 -8.81 23.65
CA PHE F 60 -44.95 -8.76 24.89
C PHE F 60 -45.85 -9.08 26.07
N ILE F 61 -45.32 -9.88 27.00
CA ILE F 61 -45.96 -10.16 28.28
C ILE F 61 -45.02 -9.61 29.36
N ASP F 62 -45.41 -8.48 29.96
CA ASP F 62 -44.53 -7.82 30.92
C ASP F 62 -44.51 -8.56 32.25
N ALA F 63 -45.69 -8.97 32.74
CA ALA F 63 -45.81 -9.74 33.97
C ALA F 63 -46.78 -10.88 33.71
N ALA F 64 -46.28 -12.11 33.71
CA ALA F 64 -47.09 -13.26 33.34
C ALA F 64 -48.02 -13.68 34.47
N THR F 65 -49.25 -14.03 34.09
CA THR F 65 -50.22 -14.65 35.00
C THR F 65 -50.58 -16.03 34.47
N VAL F 66 -51.25 -16.82 35.31
CA VAL F 66 -51.54 -18.20 34.95
C VAL F 66 -52.55 -18.29 33.81
N ASP F 67 -53.38 -17.26 33.61
CA ASP F 67 -54.31 -17.26 32.49
C ASP F 67 -53.64 -16.90 31.18
N ASP F 68 -52.42 -16.38 31.22
CA ASP F 68 -51.63 -16.21 30.00
C ASP F 68 -51.08 -17.53 29.47
N SER F 69 -51.37 -18.66 30.14
CA SER F 69 -50.91 -19.95 29.68
C SER F 69 -51.66 -20.35 28.41
N GLY F 70 -51.32 -21.51 27.88
CA GLY F 70 -52.00 -22.07 26.75
C GLY F 70 -51.17 -22.02 25.48
N GLU F 71 -51.86 -22.21 24.35
CA GLU F 71 -51.24 -22.21 23.04
C GLU F 71 -51.37 -20.85 22.37
N TYR F 72 -50.39 -20.52 21.54
CA TYR F 72 -50.35 -19.24 20.83
C TYR F 72 -50.09 -19.49 19.35
N ARG F 73 -50.86 -18.80 18.50
CA ARG F 73 -50.71 -18.90 17.06
C ARG F 73 -50.66 -17.50 16.46
N CYS F 74 -50.00 -17.38 15.31
CA CYS F 74 -49.84 -16.08 14.67
C CYS F 74 -49.85 -16.27 13.15
N GLN F 75 -50.12 -15.17 12.44
CA GLN F 75 -50.14 -15.18 10.99
C GLN F 75 -49.97 -13.75 10.48
N THR F 76 -49.50 -13.64 9.25
CA THR F 76 -49.37 -12.37 8.54
C THR F 76 -50.30 -12.39 7.34
N GLN F 77 -50.22 -11.35 6.50
CA GLN F 77 -50.88 -11.43 5.21
C GLN F 77 -50.04 -12.14 4.17
N LEU F 78 -48.79 -12.46 4.49
CA LEU F 78 -47.91 -13.19 3.59
C LEU F 78 -47.55 -14.58 4.11
N SER F 79 -48.12 -15.00 5.24
CA SER F 79 -47.89 -16.33 5.78
C SER F 79 -49.20 -16.90 6.28
N THR F 80 -49.23 -18.22 6.46
CA THR F 80 -50.43 -18.91 6.91
C THR F 80 -50.43 -19.04 8.43
N LEU F 81 -51.43 -19.76 8.94
CA LEU F 81 -51.56 -19.96 10.37
C LEU F 81 -50.45 -20.89 10.87
N SER F 82 -49.74 -20.45 11.90
CA SER F 82 -48.63 -21.22 12.43
C SER F 82 -49.13 -22.41 13.24
N ASP F 83 -48.19 -23.30 13.59
CA ASP F 83 -48.50 -24.39 14.49
C ASP F 83 -48.47 -23.89 15.94
N PRO F 84 -49.33 -24.45 16.80
CA PRO F 84 -49.50 -23.87 18.14
C PRO F 84 -48.27 -24.07 19.00
N VAL F 85 -47.82 -22.97 19.62
CA VAL F 85 -46.71 -22.99 20.57
C VAL F 85 -47.30 -22.82 21.96
N GLN F 86 -47.16 -23.85 22.79
CA GLN F 86 -47.75 -23.83 24.12
C GLN F 86 -46.87 -23.06 25.10
N LEU F 87 -47.52 -22.44 26.08
CA LEU F 87 -46.83 -21.67 27.12
C LEU F 87 -47.45 -22.03 28.47
N GLU F 88 -46.59 -22.27 29.46
CA GLU F 88 -47.01 -22.64 30.80
C GLU F 88 -46.50 -21.59 31.79
N VAL F 89 -47.43 -20.93 32.47
CA VAL F 89 -47.09 -19.99 33.53
C VAL F 89 -47.39 -20.70 34.85
N HIS F 90 -46.33 -20.99 35.62
CA HIS F 90 -46.45 -21.80 36.82
C HIS F 90 -46.47 -20.94 38.08
N ILE F 91 -47.10 -21.48 39.11
CA ILE F 91 -47.10 -20.86 40.43
C ILE F 91 -46.01 -21.50 41.26
N GLY F 92 -45.56 -20.77 42.28
CA GLY F 92 -44.56 -21.27 43.21
C GLY F 92 -43.35 -20.38 43.26
N TRP F 93 -42.33 -20.85 44.01
CA TRP F 93 -41.10 -20.11 44.22
C TRP F 93 -39.97 -20.56 43.29
N LEU F 94 -39.89 -21.85 43.00
CA LEU F 94 -38.82 -22.39 42.17
C LEU F 94 -39.41 -23.09 40.95
N LEU F 95 -38.66 -23.05 39.85
CA LEU F 95 -39.09 -23.67 38.61
C LEU F 95 -37.88 -24.04 37.78
N LEU F 96 -37.83 -25.29 37.32
CA LEU F 96 -36.81 -25.74 36.39
C LEU F 96 -37.30 -25.46 34.97
N GLN F 97 -36.52 -24.67 34.22
CA GLN F 97 -36.92 -24.21 32.90
C GLN F 97 -36.18 -24.99 31.83
N ALA F 98 -36.90 -25.33 30.76
CA ALA F 98 -36.36 -26.04 29.61
C ALA F 98 -36.91 -25.39 28.35
N PRO F 99 -36.21 -25.53 27.23
CA PRO F 99 -36.80 -25.08 25.95
C PRO F 99 -37.76 -26.08 25.35
N ARG F 100 -37.65 -27.36 25.71
CA ARG F 100 -38.51 -28.41 25.21
C ARG F 100 -38.44 -29.58 26.19
N TRP F 101 -39.19 -30.63 25.90
CA TRP F 101 -39.16 -31.82 26.75
C TRP F 101 -38.84 -33.09 25.98
N VAL F 102 -38.69 -33.03 24.66
CA VAL F 102 -38.19 -34.15 23.86
C VAL F 102 -36.96 -33.69 23.10
N PHE F 103 -35.88 -34.43 23.24
CA PHE F 103 -34.60 -34.09 22.62
C PHE F 103 -34.14 -35.22 21.71
N LYS F 104 -33.48 -34.86 20.61
CA LYS F 104 -32.81 -35.84 19.79
C LYS F 104 -31.43 -36.14 20.36
N GLU F 105 -30.98 -37.38 20.19
CA GLU F 105 -29.68 -37.78 20.73
C GLU F 105 -28.57 -36.93 20.10
N GLU F 106 -27.60 -36.56 20.93
CA GLU F 106 -26.43 -35.73 20.63
C GLU F 106 -26.77 -34.24 20.57
N ASP F 107 -28.03 -33.85 20.78
CA ASP F 107 -28.39 -32.45 20.85
C ASP F 107 -28.11 -31.88 22.24
N PRO F 108 -27.93 -30.58 22.36
CA PRO F 108 -27.62 -30.00 23.67
C PRO F 108 -28.87 -29.80 24.51
N ILE F 109 -28.72 -30.02 25.82
CA ILE F 109 -29.78 -29.82 26.80
C ILE F 109 -29.38 -28.68 27.72
N HIS F 110 -30.11 -27.58 27.68
CA HIS F 110 -29.83 -26.38 28.47
C HIS F 110 -31.01 -26.15 29.41
N LEU F 111 -30.77 -26.33 30.71
CA LEU F 111 -31.78 -26.15 31.73
C LEU F 111 -31.43 -24.98 32.64
N ARG F 112 -32.45 -24.46 33.33
CA ARG F 112 -32.27 -23.30 34.20
C ARG F 112 -33.16 -23.45 35.43
N CYS F 113 -32.56 -23.31 36.60
CA CYS F 113 -33.29 -23.24 37.86
C CYS F 113 -33.52 -21.77 38.17
N HIS F 114 -34.79 -21.33 38.10
CA HIS F 114 -35.14 -19.93 38.23
C HIS F 114 -36.05 -19.72 39.43
N SER F 115 -35.80 -18.64 40.17
CA SER F 115 -36.58 -18.29 41.34
C SER F 115 -37.58 -17.18 40.99
N TRP F 116 -38.63 -17.08 41.81
CA TRP F 116 -39.68 -16.10 41.58
C TRP F 116 -39.12 -14.68 41.67
N LYS F 117 -39.25 -13.93 40.57
CA LYS F 117 -38.68 -12.58 40.46
C LYS F 117 -37.18 -12.59 40.74
N ASN F 118 -36.53 -13.72 40.45
CA ASN F 118 -35.10 -13.92 40.70
C ASN F 118 -34.74 -13.59 42.15
N THR F 119 -35.54 -14.11 43.07
CA THR F 119 -35.21 -13.98 44.48
C THR F 119 -33.93 -14.76 44.79
N ALA F 120 -33.23 -14.35 45.85
CA ALA F 120 -31.92 -14.88 46.20
C ALA F 120 -31.89 -16.40 46.17
N LEU F 121 -31.22 -16.98 45.18
CA LEU F 121 -31.16 -18.42 44.98
C LEU F 121 -29.72 -18.88 45.11
N HIS F 122 -29.46 -19.79 46.03
CA HIS F 122 -28.11 -20.32 46.26
C HIS F 122 -28.19 -21.80 46.56
N LYS F 123 -27.03 -22.46 46.47
CA LYS F 123 -26.91 -23.89 46.72
C LYS F 123 -27.90 -24.69 45.85
N VAL F 124 -27.80 -24.46 44.54
CA VAL F 124 -28.70 -25.08 43.58
C VAL F 124 -28.20 -26.45 43.21
N THR F 125 -29.11 -27.42 43.12
CA THR F 125 -28.80 -28.80 42.76
C THR F 125 -29.76 -29.23 41.66
N TYR F 126 -29.20 -29.77 40.58
CA TYR F 126 -29.99 -30.34 39.50
C TYR F 126 -29.97 -31.86 39.63
N LEU F 127 -31.15 -32.48 39.54
CA LEU F 127 -31.30 -33.90 39.82
C LEU F 127 -31.97 -34.61 38.65
N GLN F 128 -31.42 -35.77 38.30
CA GLN F 128 -32.03 -36.68 37.34
C GLN F 128 -32.37 -37.97 38.06
N ASN F 129 -33.67 -38.28 38.15
CA ASN F 129 -34.17 -39.48 38.81
C ASN F 129 -33.83 -39.48 40.31
N GLY F 130 -34.06 -38.34 40.95
CA GLY F 130 -33.83 -38.25 42.38
C GLY F 130 -32.38 -38.39 42.80
N LYS F 131 -31.43 -38.20 41.89
CA LYS F 131 -30.01 -38.24 42.20
C LYS F 131 -29.34 -36.99 41.62
N GLY F 132 -28.42 -36.42 42.37
CA GLY F 132 -27.81 -35.17 41.98
C GLY F 132 -26.96 -35.30 40.72
N ARG F 133 -27.02 -34.28 39.88
CA ARG F 133 -26.23 -34.20 38.65
C ARG F 133 -25.22 -33.08 38.68
N LYS F 134 -25.61 -31.89 39.13
CA LYS F 134 -24.73 -30.74 39.19
C LYS F 134 -25.09 -29.88 40.39
N TYR F 135 -24.07 -29.40 41.10
CA TYR F 135 -24.25 -28.51 42.23
C TYR F 135 -23.49 -27.22 41.98
N PHE F 136 -24.11 -26.08 42.33
CA PHE F 136 -23.50 -24.78 42.18
C PHE F 136 -23.61 -24.00 43.48
N HIS F 137 -22.61 -23.14 43.73
CA HIS F 137 -22.64 -22.29 44.90
C HIS F 137 -23.67 -21.18 44.74
N HIS F 138 -23.72 -20.53 43.58
CA HIS F 138 -24.66 -19.46 43.33
C HIS F 138 -25.92 -19.99 42.64
N ASN F 139 -26.11 -19.64 41.37
CA ASN F 139 -27.27 -20.10 40.62
C ASN F 139 -26.99 -20.11 39.13
N SER F 140 -26.15 -21.03 38.68
CA SER F 140 -25.83 -21.15 37.26
C SER F 140 -26.75 -22.15 36.58
N ASP F 141 -26.64 -22.22 35.26
CA ASP F 141 -27.49 -23.08 34.46
C ASP F 141 -26.89 -24.47 34.31
N PHE F 142 -27.76 -25.45 34.12
CA PHE F 142 -27.35 -26.82 33.84
C PHE F 142 -27.26 -27.04 32.34
N TYR F 143 -26.22 -27.76 31.92
CA TYR F 143 -25.97 -27.91 30.49
C TYR F 143 -25.41 -29.29 30.19
N ILE F 144 -25.97 -29.93 29.16
CA ILE F 144 -25.43 -31.17 28.61
C ILE F 144 -25.08 -30.89 27.15
N PRO F 145 -23.80 -30.92 26.77
CA PRO F 145 -23.45 -30.55 25.39
C PRO F 145 -24.03 -31.49 24.35
N LYS F 146 -23.93 -32.81 24.56
CA LYS F 146 -24.47 -33.80 23.64
C LYS F 146 -25.32 -34.77 24.44
N ALA F 147 -26.60 -34.85 24.11
CA ALA F 147 -27.53 -35.67 24.88
C ALA F 147 -27.29 -37.15 24.60
N THR F 148 -27.02 -37.91 25.65
CA THR F 148 -27.03 -39.36 25.56
C THR F 148 -28.44 -39.88 25.85
N LEU F 149 -28.63 -41.17 25.61
CA LEU F 149 -29.92 -41.79 25.92
C LEU F 149 -30.10 -42.03 27.41
N LYS F 150 -29.01 -41.98 28.20
CA LYS F 150 -29.10 -42.12 29.65
C LYS F 150 -29.56 -40.84 30.33
N ASP F 151 -29.69 -39.74 29.60
CA ASP F 151 -30.12 -38.47 30.16
C ASP F 151 -31.64 -38.33 30.21
N SER F 152 -32.38 -39.31 29.69
CA SER F 152 -33.82 -39.30 29.82
C SER F 152 -34.22 -39.53 31.29
N GLY F 153 -35.34 -38.94 31.67
CA GLY F 153 -35.86 -39.09 33.01
C GLY F 153 -36.50 -37.81 33.54
N SER F 154 -36.88 -37.86 34.80
CA SER F 154 -37.51 -36.75 35.50
C SER F 154 -36.44 -35.82 36.07
N TYR F 155 -36.53 -34.54 35.73
CA TYR F 155 -35.60 -33.54 36.23
C TYR F 155 -36.32 -32.55 37.13
N PHE F 156 -35.58 -32.04 38.11
CA PHE F 156 -36.07 -30.98 39.00
C PHE F 156 -34.86 -30.39 39.71
N CYS F 157 -35.02 -29.14 40.16
CA CYS F 157 -33.95 -28.45 40.86
C CYS F 157 -34.38 -28.12 42.28
N ARG F 158 -33.38 -27.94 43.14
CA ARG F 158 -33.60 -27.65 44.55
C ARG F 158 -32.50 -26.69 45.01
N GLY F 159 -32.89 -25.68 45.78
CA GLY F 159 -31.94 -24.69 46.21
C GLY F 159 -32.42 -23.91 47.42
N LEU F 160 -31.63 -22.91 47.78
CA LEU F 160 -31.91 -22.05 48.94
C LEU F 160 -32.52 -20.75 48.43
N VAL F 161 -33.85 -20.71 48.39
CA VAL F 161 -34.59 -19.52 47.97
C VAL F 161 -34.74 -18.63 49.21
N GLY F 162 -33.85 -17.66 49.34
CA GLY F 162 -33.85 -16.80 50.51
C GLY F 162 -33.42 -17.52 51.77
N SER F 163 -34.39 -18.06 52.51
CA SER F 163 -34.12 -18.78 53.75
C SER F 163 -34.60 -20.23 53.75
N LYS F 164 -35.51 -20.60 52.87
CA LYS F 164 -36.12 -21.92 52.87
C LYS F 164 -35.58 -22.75 51.70
N ASN F 165 -35.46 -24.06 51.94
CA ASN F 165 -35.08 -25.00 50.89
C ASN F 165 -36.32 -25.35 50.07
N VAL F 166 -36.25 -25.10 48.76
CA VAL F 166 -37.38 -25.31 47.86
C VAL F 166 -36.98 -26.30 46.79
N SER F 167 -37.88 -27.24 46.49
CA SER F 167 -37.71 -28.19 45.41
C SER F 167 -38.70 -27.86 44.30
N SER F 168 -38.21 -27.84 43.06
CA SER F 168 -39.05 -27.47 41.92
C SER F 168 -39.97 -28.63 41.54
N GLU F 169 -40.82 -28.38 40.55
CA GLU F 169 -41.68 -29.42 40.01
C GLU F 169 -40.89 -30.32 39.07
N THR F 170 -41.54 -31.38 38.61
CA THR F 170 -40.90 -32.36 37.74
C THR F 170 -41.09 -31.99 36.28
N VAL F 171 -40.03 -32.18 35.48
CA VAL F 171 -40.09 -32.06 34.04
C VAL F 171 -39.53 -33.34 33.45
N GLN F 172 -40.35 -34.02 32.63
CA GLN F 172 -39.96 -35.28 32.03
C GLN F 172 -39.25 -35.02 30.71
N ILE F 173 -37.95 -35.30 30.66
CA ILE F 173 -37.15 -35.13 29.46
C ILE F 173 -36.91 -36.50 28.84
N THR F 174 -37.22 -36.64 27.56
CA THR F 174 -37.07 -37.90 26.83
C THR F 174 -36.10 -37.70 25.67
N ILE F 175 -35.10 -38.56 25.58
CA ILE F 175 -34.12 -38.55 24.50
C ILE F 175 -34.56 -39.54 23.44
N THR F 176 -34.63 -39.07 22.19
CA THR F 176 -35.00 -39.92 21.06
C THR F 176 -33.75 -40.22 20.23
N GLN F 177 -33.92 -41.16 19.29
CA GLN F 177 -32.81 -41.56 18.43
C GLN F 177 -33.02 -41.05 17.00
N GLY F 178 -33.77 -41.79 16.20
CA GLY F 178 -34.00 -41.43 14.82
C GLY F 178 -35.24 -40.58 14.62
#